data_8E6A
#
_entry.id   8E6A
#
_cell.length_a   45.216
_cell.length_b   54.330
_cell.length_c   114.740
_cell.angle_alpha   90.00
_cell.angle_beta   100.93
_cell.angle_gamma   90.00
#
_symmetry.space_group_name_H-M   'P 1 21 1'
#
loop_
_entity.id
_entity.type
_entity.pdbx_description
1 polymer '3C-like proteinase'
2 non-polymer 'CHLORIDE ION'
3 non-polymer '(1S,2S)-2-[(N-{[(2R)-2-(3-chlorophenyl)-2-hydroxypropoxy]carbonyl}-L-leucyl)amino]-1-hydroxy-3-[(3S)-2-oxopyrrolidin-3-yl]propane-1-sulfonic acid'
4 non-polymer '(1R,2S)-2-[(N-{[(2S)-2-(3-chlorophenyl)-2-hydroxypropoxy]carbonyl}-L-leucyl)amino]-1-hydroxy-3-[(3R)-2-oxo-3,4-dihydro-2H-pyrrol-3-yl]propane-1-sulfonic acid'
5 water water
#
_entity_poly.entity_id   1
_entity_poly.type   'polypeptide(L)'
_entity_poly.pdbx_seq_one_letter_code
;SNIGSGFRKMAFPSGKVEGCMVQVTCGTTTLNGLWLDDVVYCPRHVICTSEDMLNPNYEDLLIRKSNHNFLVQAGNVQLR
VIGHSMQNCVLKLKVDTANPKTPKYKFVRIQPGQTFSVLACYNGSPSGVYQCAMRPNFTIKGSFLNGSCGSVGFNIDYDC
VSFCYMHHMELPTGVHAGTDLEGNFYGPFVDRQTAQAAGTDTTITVNVLAWLYAAVINGDRWFLNRFTTTLNDFNLVAMK
YNYEPLTQDHVDILGPLSAQTGIAVLDMCASLKELLQNGMNGRTILGSALLEDEFTPFDVVRQCSGVTF
;
_entity_poly.pdbx_strand_id   A,B
#
loop_
_chem_comp.id
_chem_comp.type
_chem_comp.name
_chem_comp.formula
CL non-polymer 'CHLORIDE ION' 'Cl -1'
WIX non-polymer '(1S,2S)-2-[(N-{[(2R)-2-(3-chlorophenyl)-2-hydroxypropoxy]carbonyl}-L-leucyl)amino]-1-hydroxy-3-[(3S)-2-oxopyrrolidin-3-yl]propane-1-sulfonic acid' 'C23 H34 Cl N3 O9 S'
WJ0 non-polymer '(1R,2S)-2-[(N-{[(2S)-2-(3-chlorophenyl)-2-hydroxypropoxy]carbonyl}-L-leucyl)amino]-1-hydroxy-3-[(3R)-2-oxo-3,4-dihydro-2H-pyrrol-3-yl]propane-1-sulfonic acid' 'C23 H32 Cl N3 O9 S'
#
# COMPACT_ATOMS: atom_id res chain seq x y z
N PHE A 7 7.47 -10.16 1.68
CA PHE A 7 6.15 -10.01 2.30
C PHE A 7 5.87 -8.60 2.80
N ARG A 8 4.81 -8.00 2.26
CA ARG A 8 4.54 -6.58 2.44
C ARG A 8 3.10 -6.30 2.82
N LYS A 9 2.88 -5.11 3.41
CA LYS A 9 1.54 -4.56 3.55
C LYS A 9 0.97 -4.21 2.18
N MET A 10 -0.11 -4.88 1.77
CA MET A 10 -0.59 -4.83 0.39
C MET A 10 -2.06 -4.43 0.35
N ALA A 11 -2.35 -3.39 -0.42
CA ALA A 11 -3.70 -2.89 -0.58
C ALA A 11 -4.38 -3.54 -1.77
N PHE A 12 -5.69 -3.52 -1.77
CA PHE A 12 -6.43 -3.94 -2.95
C PHE A 12 -6.29 -2.93 -4.09
N PRO A 13 -6.39 -3.39 -5.35
CA PRO A 13 -6.49 -2.44 -6.45
C PRO A 13 -7.69 -1.54 -6.25
N SER A 14 -7.50 -0.25 -6.54
CA SER A 14 -8.44 0.79 -6.16
C SER A 14 -9.30 1.24 -7.33
N GLY A 15 -9.05 0.70 -8.53
CA GLY A 15 -9.79 1.15 -9.69
C GLY A 15 -11.29 1.22 -9.47
N LYS A 16 -11.89 0.15 -8.96
CA LYS A 16 -13.33 0.14 -8.76
C LYS A 16 -13.80 1.27 -7.85
N VAL A 17 -13.00 1.60 -6.83
CA VAL A 17 -13.44 2.66 -5.93
C VAL A 17 -13.14 4.03 -6.52
N GLU A 18 -12.09 4.12 -7.35
CA GLU A 18 -11.76 5.41 -7.96
C GLU A 18 -12.93 5.96 -8.78
N GLY A 19 -13.61 5.09 -9.54
CA GLY A 19 -14.76 5.52 -10.31
C GLY A 19 -15.99 5.91 -9.51
N CYS A 20 -15.95 5.79 -8.18
CA CYS A 20 -17.06 6.20 -7.34
C CYS A 20 -16.80 7.50 -6.57
N MET A 21 -15.61 8.08 -6.69
CA MET A 21 -15.29 9.24 -5.87
C MET A 21 -15.78 10.51 -6.58
N VAL A 22 -16.43 11.37 -5.82
CA VAL A 22 -16.89 12.68 -6.30
C VAL A 22 -16.57 13.75 -5.27
N GLN A 23 -16.75 15.00 -5.69
CA GLN A 23 -16.54 16.17 -4.87
C GLN A 23 -17.89 16.69 -4.40
N VAL A 24 -18.01 16.97 -3.12
CA VAL A 24 -19.26 17.45 -2.54
C VAL A 24 -18.96 18.76 -1.87
N THR A 25 -19.66 19.81 -2.27
CA THR A 25 -19.48 21.15 -1.76
C THR A 25 -20.80 21.65 -1.21
N CYS A 26 -20.76 22.23 -0.01
CA CYS A 26 -21.91 22.84 0.64
C CYS A 26 -21.35 24.09 1.27
N GLY A 27 -21.70 25.26 0.73
CA GLY A 27 -21.13 26.50 1.23
C GLY A 27 -19.62 26.54 1.02
N THR A 28 -18.89 26.79 2.11
CA THR A 28 -17.43 26.83 2.04
C THR A 28 -16.78 25.46 2.20
N THR A 29 -17.46 24.52 2.85
CA THR A 29 -16.89 23.19 3.08
C THR A 29 -16.96 22.34 1.81
N THR A 30 -15.86 21.65 1.50
CA THR A 30 -15.80 20.72 0.39
C THR A 30 -15.12 19.44 0.88
N LEU A 31 -15.70 18.29 0.54
CA LEU A 31 -15.07 17.02 0.88
C LEU A 31 -15.44 16.00 -0.18
N ASN A 32 -15.13 14.72 0.08
CA ASN A 32 -15.39 13.64 -0.86
C ASN A 32 -16.70 12.93 -0.56
N GLY A 33 -17.32 12.43 -1.62
CA GLY A 33 -18.49 11.60 -1.48
C GLY A 33 -18.34 10.33 -2.31
N LEU A 34 -19.17 9.36 -1.99
CA LEU A 34 -19.18 8.07 -2.65
C LEU A 34 -20.46 7.94 -3.47
N TRP A 35 -20.30 7.85 -4.79
CA TRP A 35 -21.39 7.82 -5.76
C TRP A 35 -21.61 6.37 -6.20
N LEU A 36 -22.71 5.78 -5.74
CA LEU A 36 -23.11 4.41 -6.05
C LEU A 36 -24.57 4.46 -6.50
N ASP A 37 -24.87 3.85 -7.65
CA ASP A 37 -26.19 3.98 -8.30
C ASP A 37 -26.53 5.47 -8.30
N ASP A 38 -27.73 5.88 -7.88
CA ASP A 38 -28.11 7.29 -7.96
C ASP A 38 -28.00 8.00 -6.62
N VAL A 39 -27.13 7.53 -5.73
CA VAL A 39 -26.96 8.12 -4.40
C VAL A 39 -25.49 8.42 -4.14
N VAL A 40 -25.25 9.59 -3.56
CA VAL A 40 -23.93 10.05 -3.13
C VAL A 40 -23.93 10.07 -1.61
N TYR A 41 -23.01 9.32 -1.01
CA TYR A 41 -22.84 9.26 0.44
C TYR A 41 -21.69 10.17 0.83
N CYS A 42 -21.86 10.96 1.87
CA CYS A 42 -20.76 11.77 2.37
C CYS A 42 -20.98 12.11 3.85
N PRO A 43 -19.95 12.56 4.55
CA PRO A 43 -20.11 12.92 5.96
C PRO A 43 -21.02 14.13 6.12
N ARG A 44 -21.84 14.09 7.16
CA ARG A 44 -22.84 15.14 7.36
C ARG A 44 -22.23 16.47 7.75
N HIS A 45 -21.01 16.48 8.31
CA HIS A 45 -20.41 17.75 8.69
C HIS A 45 -20.00 18.56 7.48
N VAL A 46 -20.25 18.06 6.25
CA VAL A 46 -20.09 18.96 5.11
C VAL A 46 -21.01 20.17 5.23
N ILE A 47 -22.09 20.09 6.01
CA ILE A 47 -23.04 21.20 6.10
C ILE A 47 -22.66 22.14 7.24
N CYS A 48 -21.47 21.97 7.82
CA CYS A 48 -21.02 22.76 8.94
C CYS A 48 -20.08 23.87 8.47
N THR A 49 -20.19 25.03 9.11
CA THR A 49 -19.21 26.10 8.94
C THR A 49 -18.06 25.90 9.91
N SER A 50 -17.08 26.82 9.86
CA SER A 50 -15.98 26.81 10.82
C SER A 50 -16.51 26.84 12.25
N GLU A 51 -17.51 27.67 12.52
CA GLU A 51 -18.00 27.84 13.89
C GLU A 51 -18.84 26.65 14.34
N ASP A 52 -19.66 26.10 13.44
CA ASP A 52 -20.62 25.06 13.82
C ASP A 52 -19.98 23.82 14.43
N MET A 53 -18.67 23.64 14.28
CA MET A 53 -18.03 22.35 14.53
C MET A 53 -17.79 22.06 16.00
N LEU A 54 -17.87 23.07 16.86
CA LEU A 54 -17.71 22.83 18.29
C LEU A 54 -18.84 21.97 18.85
N ASN A 55 -20.09 22.23 18.43
CA ASN A 55 -21.22 21.46 18.91
C ASN A 55 -22.41 21.65 17.95
N PRO A 56 -22.37 21.01 16.78
CA PRO A 56 -23.44 21.23 15.80
C PRO A 56 -24.73 20.56 16.23
N ASN A 57 -25.85 21.21 15.91
CA ASN A 57 -27.16 20.56 15.89
C ASN A 57 -27.42 20.21 14.43
N TYR A 58 -27.11 18.98 14.03
CA TYR A 58 -27.09 18.66 12.60
C TYR A 58 -28.49 18.75 11.98
N GLU A 59 -29.52 18.27 12.68
CA GLU A 59 -30.88 18.41 12.17
C GLU A 59 -31.21 19.88 11.90
N ASP A 60 -31.02 20.74 12.89
CA ASP A 60 -31.26 22.16 12.67
C ASP A 60 -30.44 22.70 11.51
N LEU A 61 -29.16 22.31 11.43
CA LEU A 61 -28.32 22.82 10.35
C LEU A 61 -28.81 22.34 8.99
N LEU A 62 -29.25 21.09 8.91
CA LEU A 62 -29.62 20.51 7.62
C LEU A 62 -30.93 21.08 7.10
N ILE A 63 -31.82 21.49 8.01
CA ILE A 63 -33.10 22.08 7.60
C ILE A 63 -32.85 23.37 6.82
N ARG A 64 -31.84 24.13 7.21
CA ARG A 64 -31.52 25.34 6.47
C ARG A 64 -31.05 25.05 5.04
N LYS A 65 -30.77 23.80 4.70
CA LYS A 65 -30.19 23.48 3.40
C LYS A 65 -31.24 22.95 2.44
N SER A 66 -31.13 23.37 1.18
CA SER A 66 -31.92 22.86 0.07
C SER A 66 -31.04 22.05 -0.88
N ASN A 67 -31.70 21.24 -1.72
CA ASN A 67 -30.98 20.44 -2.69
C ASN A 67 -29.95 21.26 -3.48
N HIS A 68 -30.34 22.45 -3.96
CA HIS A 68 -29.43 23.26 -4.75
C HIS A 68 -28.26 23.82 -3.94
N ASN A 69 -28.29 23.73 -2.61
CA ASN A 69 -27.12 24.13 -1.83
C ASN A 69 -26.00 23.09 -1.91
N PHE A 70 -26.21 22.01 -2.65
CA PHE A 70 -25.29 20.88 -2.68
C PHE A 70 -24.72 20.72 -4.09
N LEU A 71 -23.48 21.16 -4.28
CA LEU A 71 -22.79 21.00 -5.56
C LEU A 71 -21.97 19.70 -5.53
N VAL A 72 -22.36 18.74 -6.35
CA VAL A 72 -21.66 17.46 -6.48
C VAL A 72 -21.05 17.39 -7.86
N GLN A 73 -19.74 17.15 -7.91
CA GLN A 73 -18.98 17.11 -9.17
C GLN A 73 -18.30 15.75 -9.32
N ALA A 74 -18.57 15.08 -10.43
CA ALA A 74 -17.88 13.84 -10.81
C ALA A 74 -16.93 14.19 -11.95
N GLY A 75 -15.69 14.51 -11.60
CA GLY A 75 -14.76 15.02 -12.58
C GLY A 75 -15.23 16.37 -13.05
N ASN A 76 -15.44 16.53 -14.36
CA ASN A 76 -15.94 17.76 -14.93
C ASN A 76 -17.45 17.73 -15.15
N VAL A 77 -18.13 16.71 -14.65
CA VAL A 77 -19.57 16.54 -14.82
C VAL A 77 -20.26 16.98 -13.52
N GLN A 78 -21.21 17.89 -13.64
CA GLN A 78 -22.00 18.32 -12.49
C GLN A 78 -23.23 17.41 -12.37
N LEU A 79 -23.46 16.92 -11.15
CA LEU A 79 -24.63 16.12 -10.86
C LEU A 79 -25.66 16.99 -10.16
N ARG A 80 -26.92 16.83 -10.51
CA ARG A 80 -28.01 17.61 -9.94
C ARG A 80 -28.60 16.80 -8.79
N VAL A 81 -28.66 17.41 -7.61
CA VAL A 81 -29.22 16.78 -6.42
C VAL A 81 -30.73 17.00 -6.42
N ILE A 82 -31.49 15.92 -6.23
CA ILE A 82 -32.94 15.97 -6.30
C ILE A 82 -33.58 15.50 -4.99
N GLY A 83 -32.81 15.44 -3.91
CA GLY A 83 -33.31 14.93 -2.66
C GLY A 83 -32.16 14.70 -1.71
N HIS A 84 -32.42 14.87 -0.41
CA HIS A 84 -31.39 14.68 0.59
C HIS A 84 -32.00 14.11 1.86
N SER A 85 -31.15 13.50 2.66
CA SER A 85 -31.60 12.86 3.88
C SER A 85 -30.37 12.56 4.72
N MET A 86 -30.58 12.55 6.03
CA MET A 86 -29.52 12.24 6.98
C MET A 86 -29.78 10.86 7.55
N GLN A 87 -28.75 10.01 7.53
CA GLN A 87 -28.80 8.70 8.18
C GLN A 87 -27.62 8.63 9.14
N ASN A 88 -27.90 8.68 10.46
CA ASN A 88 -26.84 8.71 11.46
C ASN A 88 -25.90 9.87 11.10
N CYS A 89 -24.61 9.61 10.92
CA CYS A 89 -23.66 10.68 10.65
C CYS A 89 -23.29 10.84 9.18
N VAL A 90 -24.06 10.25 8.27
CA VAL A 90 -23.81 10.47 6.85
C VAL A 90 -25.02 11.14 6.20
N LEU A 91 -24.74 11.90 5.15
CA LEU A 91 -25.73 12.50 4.28
C LEU A 91 -25.87 11.68 3.01
N LYS A 92 -27.11 11.40 2.61
CA LYS A 92 -27.40 10.70 1.36
C LYS A 92 -28.05 11.69 0.41
N LEU A 93 -27.36 11.98 -0.67
CA LEU A 93 -27.83 12.90 -1.70
C LEU A 93 -28.29 12.09 -2.91
N LYS A 94 -29.61 12.06 -3.14
CA LYS A 94 -30.13 11.46 -4.36
C LYS A 94 -29.81 12.38 -5.54
N VAL A 95 -29.25 11.84 -6.60
CA VAL A 95 -28.86 12.64 -7.75
C VAL A 95 -29.60 12.13 -8.97
N ASP A 96 -29.56 12.92 -10.05
CA ASP A 96 -30.35 12.62 -11.24
C ASP A 96 -29.80 11.46 -12.05
N THR A 97 -28.52 11.11 -11.87
CA THR A 97 -27.82 10.13 -12.69
C THR A 97 -27.28 8.99 -11.83
N ALA A 98 -27.50 7.76 -12.27
CA ALA A 98 -26.81 6.63 -11.68
C ALA A 98 -25.38 6.57 -12.19
N ASN A 99 -24.45 6.21 -11.30
CA ASN A 99 -23.04 6.12 -11.65
C ASN A 99 -22.85 4.95 -12.60
N PRO A 100 -22.48 5.16 -13.86
CA PRO A 100 -22.29 4.02 -14.76
C PRO A 100 -21.13 3.13 -14.33
N LYS A 101 -20.24 3.64 -13.49
CA LYS A 101 -19.08 2.91 -13.02
C LYS A 101 -19.33 2.22 -11.68
N THR A 102 -20.59 2.11 -11.27
CA THR A 102 -20.92 1.50 -10.00
C THR A 102 -20.44 0.06 -10.03
N PRO A 103 -19.52 -0.36 -9.17
CA PRO A 103 -19.17 -1.78 -9.08
C PRO A 103 -20.28 -2.54 -8.36
N LYS A 104 -20.20 -3.86 -8.41
CA LYS A 104 -20.95 -4.66 -7.46
C LYS A 104 -20.43 -4.32 -6.07
N TYR A 105 -21.32 -4.10 -5.12
CA TYR A 105 -20.89 -3.61 -3.83
C TYR A 105 -21.87 -4.02 -2.74
N LYS A 106 -21.33 -4.06 -1.52
CA LYS A 106 -22.08 -4.22 -0.30
C LYS A 106 -21.56 -3.19 0.70
N PHE A 107 -22.42 -2.80 1.63
CA PHE A 107 -22.02 -2.09 2.83
C PHE A 107 -21.88 -3.11 3.96
N VAL A 108 -20.73 -3.10 4.64
CA VAL A 108 -20.48 -4.01 5.76
C VAL A 108 -19.86 -3.25 6.93
N ARG A 109 -20.14 -3.72 8.13
CA ARG A 109 -19.51 -3.23 9.34
C ARG A 109 -18.47 -4.27 9.74
N ILE A 110 -17.19 -3.89 9.67
CA ILE A 110 -16.12 -4.84 9.97
C ILE A 110 -15.96 -4.96 11.47
N GLN A 111 -15.30 -5.98 11.86
CA GLN A 111 -15.00 -6.26 13.25
C GLN A 111 -13.63 -5.68 13.60
N PRO A 112 -13.42 -5.33 14.87
CA PRO A 112 -12.08 -4.92 15.30
C PRO A 112 -11.08 -6.02 14.97
N GLY A 113 -9.90 -5.60 14.54
CA GLY A 113 -8.86 -6.54 14.16
C GLY A 113 -8.85 -6.89 12.69
N GLN A 114 -9.90 -6.57 11.95
CA GLN A 114 -9.96 -6.77 10.51
C GLN A 114 -9.24 -5.64 9.78
N THR A 115 -8.85 -5.91 8.56
CA THR A 115 -8.10 -4.95 7.77
C THR A 115 -8.95 -4.49 6.59
N PHE A 116 -8.48 -3.41 5.96
CA PHE A 116 -9.13 -2.89 4.78
C PHE A 116 -8.15 -1.93 4.11
N SER A 117 -8.44 -1.64 2.86
CA SER A 117 -7.71 -0.67 2.07
C SER A 117 -8.43 0.66 2.14
N VAL A 118 -7.66 1.74 2.22
CA VAL A 118 -8.16 3.10 2.18
C VAL A 118 -7.66 3.77 0.91
N LEU A 119 -8.59 4.37 0.18
CA LEU A 119 -8.28 5.24 -0.96
C LEU A 119 -8.43 6.68 -0.46
N ALA A 120 -7.29 7.27 -0.11
CA ALA A 120 -7.25 8.65 0.35
C ALA A 120 -7.52 9.61 -0.80
N CYS A 121 -8.50 10.50 -0.62
CA CYS A 121 -8.92 11.41 -1.66
C CYS A 121 -8.99 12.83 -1.15
N TYR A 122 -8.87 13.78 -2.10
CA TYR A 122 -9.02 15.21 -1.88
C TYR A 122 -9.76 15.78 -3.09
N ASN A 123 -10.76 16.61 -2.83
CA ASN A 123 -11.58 17.23 -3.87
C ASN A 123 -12.11 16.18 -4.84
N GLY A 124 -12.43 15.00 -4.30
CA GLY A 124 -12.96 13.94 -5.13
C GLY A 124 -11.95 13.24 -6.02
N SER A 125 -10.66 13.54 -5.90
CA SER A 125 -9.63 12.91 -6.72
C SER A 125 -8.75 12.02 -5.86
N PRO A 126 -8.57 10.75 -6.23
CA PRO A 126 -7.69 9.87 -5.44
C PRO A 126 -6.25 10.31 -5.45
N SER A 127 -5.60 10.25 -4.28
CA SER A 127 -4.16 10.48 -4.21
C SER A 127 -3.34 9.27 -3.81
N GLY A 128 -3.90 8.27 -3.15
CA GLY A 128 -3.09 7.16 -2.69
C GLY A 128 -3.93 6.08 -2.05
N VAL A 129 -3.32 4.91 -1.90
CA VAL A 129 -3.99 3.73 -1.36
C VAL A 129 -3.07 3.03 -0.39
N TYR A 130 -3.62 2.55 0.72
CA TYR A 130 -2.82 1.88 1.74
C TYR A 130 -3.74 1.04 2.62
N GLN A 131 -3.14 0.04 3.28
CA GLN A 131 -3.85 -0.90 4.12
C GLN A 131 -3.89 -0.40 5.56
N CYS A 132 -5.06 -0.54 6.19
CA CYS A 132 -5.26 -0.17 7.58
C CYS A 132 -5.85 -1.34 8.34
N ALA A 133 -5.73 -1.29 9.67
CA ALA A 133 -6.44 -2.19 10.57
C ALA A 133 -7.38 -1.39 11.46
N MET A 134 -8.59 -1.92 11.70
CA MET A 134 -9.49 -1.45 12.75
C MET A 134 -8.92 -1.90 14.10
N ARG A 135 -8.43 -0.96 14.89
CA ARG A 135 -7.86 -1.35 16.17
C ARG A 135 -8.94 -1.90 17.10
N PRO A 136 -8.54 -2.68 18.11
CA PRO A 136 -9.52 -3.09 19.13
C PRO A 136 -10.28 -1.89 19.72
N ASN A 137 -9.65 -0.73 19.82
CA ASN A 137 -10.33 0.45 20.35
C ASN A 137 -11.03 1.27 19.26
N PHE A 138 -11.20 0.70 18.07
CA PHE A 138 -12.05 1.25 17.00
C PHE A 138 -11.50 2.56 16.45
N THR A 139 -10.19 2.76 16.55
CA THR A 139 -9.50 3.78 15.78
C THR A 139 -8.75 3.10 14.64
N ILE A 140 -8.19 3.93 13.77
CA ILE A 140 -7.31 3.43 12.73
C ILE A 140 -6.14 4.39 12.64
N LYS A 141 -4.99 3.85 12.23
CA LYS A 141 -3.76 4.63 12.10
C LYS A 141 -3.60 4.94 10.62
N GLY A 142 -4.17 6.05 10.19
CA GLY A 142 -4.23 6.40 8.80
C GLY A 142 -3.29 7.53 8.42
N SER A 143 -3.45 8.00 7.19
CA SER A 143 -2.76 9.19 6.69
C SER A 143 -3.84 10.01 5.98
N PHE A 144 -4.39 10.98 6.69
CA PHE A 144 -5.52 11.79 6.26
C PHE A 144 -5.15 13.23 6.55
N LEU A 145 -5.33 14.09 5.58
CA LEU A 145 -5.16 15.51 5.77
C LEU A 145 -6.53 16.18 5.76
N ASN A 146 -6.53 17.50 5.97
CA ASN A 146 -7.76 18.25 5.78
C ASN A 146 -8.28 18.01 4.36
N GLY A 147 -9.59 17.96 4.23
CA GLY A 147 -10.22 17.64 2.98
C GLY A 147 -10.31 16.16 2.65
N SER A 148 -9.74 15.29 3.47
CA SER A 148 -9.77 13.87 3.16
C SER A 148 -11.07 13.20 3.59
N CYS A 149 -11.94 13.92 4.31
CA CYS A 149 -13.17 13.31 4.78
C CYS A 149 -14.01 12.84 3.60
N GLY A 150 -14.71 11.73 3.82
CA GLY A 150 -15.43 11.09 2.78
C GLY A 150 -14.64 10.06 1.99
N SER A 151 -13.31 10.04 2.14
CA SER A 151 -12.52 8.92 1.66
C SER A 151 -13.05 7.64 2.31
N VAL A 152 -12.92 6.52 1.61
CA VAL A 152 -13.54 5.29 2.09
C VAL A 152 -12.54 4.15 2.21
N GLY A 153 -12.89 3.21 3.07
CA GLY A 153 -12.17 1.97 3.25
C GLY A 153 -13.02 0.82 2.74
N PHE A 154 -12.35 -0.21 2.23
CA PHE A 154 -13.04 -1.28 1.55
C PHE A 154 -12.16 -2.52 1.47
N ASN A 155 -12.83 -3.64 1.29
CA ASN A 155 -12.24 -4.88 0.82
C ASN A 155 -12.86 -5.26 -0.52
N ILE A 156 -12.11 -6.01 -1.30
CA ILE A 156 -12.58 -6.51 -2.61
C ILE A 156 -12.49 -8.03 -2.61
N ASP A 157 -13.63 -8.70 -2.76
CA ASP A 157 -13.71 -10.15 -2.85
C ASP A 157 -14.32 -10.50 -4.20
N TYR A 158 -13.54 -11.15 -5.07
CA TYR A 158 -13.98 -11.41 -6.43
C TYR A 158 -14.03 -10.07 -7.15
N ASP A 159 -15.20 -9.68 -7.64
CA ASP A 159 -15.41 -8.34 -8.16
C ASP A 159 -16.34 -7.50 -7.30
N CYS A 160 -16.65 -7.94 -6.08
CA CYS A 160 -17.55 -7.23 -5.19
C CYS A 160 -16.77 -6.32 -4.23
N VAL A 161 -17.10 -5.04 -4.23
CA VAL A 161 -16.48 -4.08 -3.35
C VAL A 161 -17.30 -4.03 -2.06
N SER A 162 -16.68 -4.39 -0.94
CA SER A 162 -17.32 -4.33 0.38
C SER A 162 -16.80 -3.07 1.06
N PHE A 163 -17.60 -2.01 1.03
CA PHE A 163 -17.24 -0.77 1.73
C PHE A 163 -17.50 -0.91 3.21
N CYS A 164 -16.49 -0.59 4.02
CA CYS A 164 -16.59 -0.74 5.46
C CYS A 164 -16.33 0.52 6.26
N TYR A 165 -15.78 1.59 5.66
CA TYR A 165 -15.34 2.75 6.43
C TYR A 165 -15.49 4.00 5.60
N MET A 166 -15.93 5.09 6.25
CA MET A 166 -15.86 6.44 5.72
C MET A 166 -15.20 7.33 6.75
N HIS A 167 -14.28 8.16 6.29
CA HIS A 167 -13.45 8.91 7.20
C HIS A 167 -14.13 10.21 7.63
N HIS A 168 -14.09 10.50 8.95
CA HIS A 168 -14.71 11.69 9.54
C HIS A 168 -13.76 12.57 10.33
N MET A 169 -12.87 12.01 11.14
CA MET A 169 -12.13 12.88 12.04
C MET A 169 -10.78 12.30 12.44
N GLU A 170 -9.89 13.20 12.83
CA GLU A 170 -8.69 12.86 13.57
C GLU A 170 -8.90 13.18 15.04
N LEU A 171 -8.48 12.28 15.91
CA LEU A 171 -8.48 12.57 17.33
C LEU A 171 -7.23 13.37 17.65
N PRO A 172 -7.11 13.94 18.86
CA PRO A 172 -5.93 14.77 19.15
C PRO A 172 -4.66 13.95 19.36
N THR A 173 -4.79 12.64 19.64
CA THR A 173 -3.63 11.75 19.66
C THR A 173 -3.10 11.46 18.26
N GLY A 174 -3.79 11.91 17.20
CA GLY A 174 -3.37 11.70 15.83
C GLY A 174 -3.93 10.47 15.13
N VAL A 175 -4.66 9.61 15.83
CA VAL A 175 -5.33 8.48 15.20
C VAL A 175 -6.64 8.97 14.59
N HIS A 176 -7.36 8.08 13.93
CA HIS A 176 -8.49 8.47 13.11
C HIS A 176 -9.71 7.63 13.44
N ALA A 177 -10.87 8.23 13.14
CA ALA A 177 -12.16 7.65 13.46
C ALA A 177 -13.13 7.99 12.35
N GLY A 178 -14.10 7.11 12.17
CA GLY A 178 -15.08 7.30 11.12
C GLY A 178 -16.17 6.28 11.28
N THR A 179 -17.00 6.18 10.26
CA THR A 179 -18.22 5.41 10.34
C THR A 179 -18.22 4.27 9.32
N ASP A 180 -19.20 3.37 9.48
CA ASP A 180 -19.58 2.50 8.39
C ASP A 180 -20.41 3.29 7.38
N LEU A 181 -20.84 2.65 6.30
CA LEU A 181 -21.50 3.43 5.26
C LEU A 181 -22.95 3.72 5.58
N GLU A 182 -23.46 3.24 6.71
CA GLU A 182 -24.76 3.65 7.21
C GLU A 182 -24.65 4.79 8.19
N GLY A 183 -23.45 5.33 8.40
CA GLY A 183 -23.24 6.52 9.20
C GLY A 183 -23.02 6.29 10.69
N ASN A 184 -22.88 5.04 11.11
CA ASN A 184 -22.65 4.70 12.51
C ASN A 184 -21.17 4.67 12.79
N PHE A 185 -20.72 5.47 13.74
CA PHE A 185 -19.32 5.47 14.09
C PHE A 185 -18.87 4.08 14.55
N TYR A 186 -17.66 3.72 14.20
CA TYR A 186 -16.94 2.71 14.95
C TYR A 186 -16.47 3.36 16.25
N GLY A 187 -16.74 2.73 17.37
CA GLY A 187 -16.32 3.24 18.66
C GLY A 187 -17.28 4.23 19.27
N PRO A 188 -16.85 4.87 20.36
CA PRO A 188 -17.70 5.84 21.07
C PRO A 188 -17.69 7.25 20.50
N PHE A 189 -17.16 7.46 19.31
CA PHE A 189 -16.86 8.81 18.88
C PHE A 189 -18.11 9.49 18.33
N VAL A 190 -18.08 10.82 18.36
CA VAL A 190 -19.12 11.68 17.81
C VAL A 190 -18.46 12.71 16.92
N ASP A 191 -19.20 13.14 15.88
CA ASP A 191 -18.66 14.10 14.92
C ASP A 191 -18.89 15.52 15.43
N ARG A 192 -18.10 15.86 16.46
CA ARG A 192 -18.02 17.18 17.07
C ARG A 192 -16.60 17.39 17.56
N GLN A 193 -16.14 18.64 17.54
CA GLN A 193 -14.77 18.93 17.95
C GLN A 193 -14.71 19.26 19.44
N THR A 194 -15.00 18.23 20.24
CA THR A 194 -14.76 18.28 21.68
C THR A 194 -13.87 17.12 22.07
N ALA A 195 -13.28 17.23 23.26
CA ALA A 195 -12.33 16.23 23.75
C ALA A 195 -12.95 14.83 23.65
N GLN A 196 -12.17 13.90 23.11
CA GLN A 196 -12.64 12.53 22.96
C GLN A 196 -11.47 11.57 23.09
N ALA A 197 -11.65 10.58 23.95
CA ALA A 197 -10.63 9.60 24.25
C ALA A 197 -10.98 8.28 23.58
N ALA A 198 -9.98 7.66 22.96
CA ALA A 198 -10.10 6.27 22.57
C ALA A 198 -9.76 5.43 23.80
N GLY A 199 -10.44 4.30 23.95
CA GLY A 199 -10.09 3.38 25.00
C GLY A 199 -8.64 2.95 24.92
N THR A 200 -8.19 2.26 25.96
CA THR A 200 -6.94 1.54 25.89
C THR A 200 -6.94 0.57 24.69
N ASP A 201 -5.90 0.63 23.87
CA ASP A 201 -5.76 -0.31 22.76
C ASP A 201 -5.13 -1.61 23.24
N THR A 202 -5.24 -2.65 22.41
CA THR A 202 -4.61 -3.92 22.68
C THR A 202 -4.07 -4.50 21.38
N THR A 203 -3.18 -5.47 21.49
CA THR A 203 -2.60 -6.10 20.32
C THR A 203 -3.49 -7.25 19.85
N ILE A 204 -3.69 -7.31 18.53
CA ILE A 204 -4.54 -8.33 17.94
C ILE A 204 -3.74 -9.64 17.83
N THR A 205 -3.89 -10.50 18.84
CA THR A 205 -3.03 -11.66 19.01
C THR A 205 -3.08 -12.59 17.81
N VAL A 206 -4.28 -12.86 17.28
CA VAL A 206 -4.42 -13.76 16.16
C VAL A 206 -3.66 -13.24 14.95
N ASN A 207 -3.58 -11.92 14.81
CA ASN A 207 -2.85 -11.35 13.68
C ASN A 207 -1.35 -11.54 13.84
N VAL A 208 -0.83 -11.35 15.05
CA VAL A 208 0.59 -11.58 15.31
C VAL A 208 0.95 -13.03 15.01
N LEU A 209 0.08 -13.97 15.43
CA LEU A 209 0.35 -15.37 15.14
C LEU A 209 0.38 -15.61 13.65
N ALA A 210 -0.59 -15.04 12.92
CA ALA A 210 -0.63 -15.21 11.48
C ALA A 210 0.64 -14.68 10.83
N TRP A 211 1.14 -13.55 11.33
CA TRP A 211 2.37 -12.98 10.80
C TRP A 211 3.57 -13.87 11.14
N LEU A 212 3.59 -14.50 12.32
CA LEU A 212 4.64 -15.49 12.60
C LEU A 212 4.56 -16.66 11.62
N TYR A 213 3.36 -17.04 11.21
CA TYR A 213 3.22 -18.08 10.20
C TYR A 213 3.77 -17.60 8.86
N ALA A 214 3.46 -16.36 8.49
CA ALA A 214 4.02 -15.80 7.28
C ALA A 214 5.54 -15.79 7.33
N ALA A 215 6.11 -15.55 8.52
CA ALA A 215 7.57 -15.53 8.63
C ALA A 215 8.16 -16.91 8.37
N VAL A 216 7.59 -17.94 8.99
CA VAL A 216 8.01 -19.31 8.76
C VAL A 216 7.84 -19.68 7.29
N ILE A 217 6.69 -19.31 6.72
CA ILE A 217 6.47 -19.59 5.31
C ILE A 217 7.57 -18.96 4.46
N ASN A 218 8.09 -17.81 4.87
CA ASN A 218 9.06 -17.07 4.10
C ASN A 218 10.50 -17.40 4.48
N GLY A 219 10.72 -18.39 5.34
CA GLY A 219 12.05 -18.83 5.68
C GLY A 219 12.58 -18.34 7.01
N ASP A 220 11.90 -17.37 7.63
CA ASP A 220 12.34 -16.80 8.91
C ASP A 220 11.88 -17.71 10.03
N ARG A 221 12.81 -18.48 10.61
CA ARG A 221 12.44 -19.52 11.57
C ARG A 221 13.15 -19.44 12.92
N TRP A 222 14.05 -18.47 13.12
CA TRP A 222 14.92 -18.50 14.31
C TRP A 222 14.11 -18.53 15.61
N PHE A 223 12.89 -18.00 15.60
CA PHE A 223 12.13 -17.84 16.83
C PHE A 223 11.36 -19.09 17.24
N LEU A 224 11.36 -20.12 16.41
CA LEU A 224 10.64 -21.34 16.74
C LEU A 224 11.34 -22.09 17.87
N ASN A 225 10.57 -22.82 18.66
CA ASN A 225 11.10 -23.61 19.77
C ASN A 225 10.34 -24.92 19.88
N PHE A 227 9.51 -25.89 22.72
CA PHE A 227 8.52 -25.81 23.77
C PHE A 227 7.10 -25.78 23.23
N THR A 228 6.14 -25.90 24.15
CA THR A 228 4.73 -25.80 23.82
C THR A 228 4.04 -25.18 25.02
N THR A 229 2.72 -25.08 24.95
CA THR A 229 1.97 -24.44 26.03
C THR A 229 0.49 -24.78 25.87
N THR A 230 -0.28 -24.43 26.89
CA THR A 230 -1.72 -24.59 26.86
C THR A 230 -2.34 -23.27 26.45
N LEU A 231 -3.54 -23.34 25.89
CA LEU A 231 -4.27 -22.13 25.55
C LEU A 231 -4.46 -21.25 26.78
N ASN A 232 -4.77 -21.86 27.92
CA ASN A 232 -4.97 -21.07 29.14
C ASN A 232 -3.65 -20.51 29.66
N ASP A 233 -2.55 -21.26 29.50
CA ASP A 233 -1.26 -20.76 29.94
C ASP A 233 -0.83 -19.58 29.07
N PHE A 234 -0.92 -19.75 27.74
CA PHE A 234 -0.56 -18.66 26.84
C PHE A 234 -1.37 -17.40 27.15
N ASN A 235 -2.67 -17.57 27.44
CA ASN A 235 -3.53 -16.41 27.64
C ASN A 235 -3.14 -15.63 28.90
N LEU A 236 -2.68 -16.32 29.95
CA LEU A 236 -2.20 -15.61 31.13
C LEU A 236 -1.04 -14.69 30.78
N VAL A 237 -0.14 -15.15 29.91
CA VAL A 237 0.91 -14.29 29.37
C VAL A 237 0.31 -13.19 28.51
N ALA A 238 -0.63 -13.54 27.63
CA ALA A 238 -1.24 -12.54 26.75
C ALA A 238 -1.81 -11.39 27.57
N MET A 239 -2.52 -11.73 28.64
CA MET A 239 -3.10 -10.69 29.51
C MET A 239 -2.01 -9.79 30.07
N LYS A 240 -0.84 -10.36 30.41
CA LYS A 240 0.23 -9.54 30.96
C LYS A 240 0.69 -8.50 29.96
N TYR A 241 0.79 -8.88 28.69
CA TYR A 241 1.42 -8.05 27.67
C TYR A 241 0.42 -7.25 26.84
N ASN A 242 -0.79 -7.06 27.35
CA ASN A 242 -1.82 -6.27 26.67
C ASN A 242 -2.09 -6.86 25.28
N TYR A 243 -2.21 -8.18 25.23
CA TYR A 243 -2.59 -8.90 24.03
C TYR A 243 -4.03 -9.40 24.18
N GLU A 244 -4.76 -9.34 23.09
CA GLU A 244 -6.10 -9.92 23.06
C GLU A 244 -6.04 -11.38 23.47
N PRO A 245 -7.04 -11.87 24.21
CA PRO A 245 -7.06 -13.31 24.52
C PRO A 245 -7.29 -14.12 23.26
N LEU A 246 -6.64 -15.28 23.20
CA LEU A 246 -6.81 -16.18 22.06
C LEU A 246 -7.93 -17.16 22.37
N THR A 247 -8.92 -17.22 21.50
CA THR A 247 -10.03 -18.14 21.62
C THR A 247 -9.82 -19.34 20.68
N GLN A 248 -10.61 -20.39 20.91
CA GLN A 248 -10.55 -21.55 20.03
C GLN A 248 -11.00 -21.22 18.61
N ASP A 249 -11.92 -20.27 18.46
CA ASP A 249 -12.28 -19.81 17.12
C ASP A 249 -11.09 -19.18 16.42
N HIS A 250 -10.25 -18.47 17.17
CA HIS A 250 -9.00 -17.97 16.60
C HIS A 250 -8.07 -19.11 16.19
N VAL A 251 -7.93 -20.14 17.03
CA VAL A 251 -7.11 -21.30 16.66
C VAL A 251 -7.58 -21.87 15.33
N ASP A 252 -8.90 -22.09 15.21
CA ASP A 252 -9.46 -22.68 14.00
C ASP A 252 -9.22 -21.80 12.77
N ILE A 253 -9.32 -20.48 12.94
CA ILE A 253 -9.08 -19.54 11.85
C ILE A 253 -7.64 -19.61 11.38
N LEU A 254 -6.71 -19.95 12.27
CA LEU A 254 -5.33 -20.09 11.87
C LEU A 254 -5.05 -21.45 11.24
N GLY A 255 -6.04 -22.35 11.26
CA GLY A 255 -5.90 -23.71 10.77
C GLY A 255 -5.18 -23.82 9.45
N PRO A 256 -5.57 -23.01 8.46
CA PRO A 256 -4.88 -23.10 7.15
C PRO A 256 -3.37 -22.90 7.25
N LEU A 257 -2.92 -21.90 8.02
CA LEU A 257 -1.48 -21.67 8.15
C LEU A 257 -0.80 -22.75 8.98
N SER A 258 -1.48 -23.24 10.02
CA SER A 258 -0.95 -24.37 10.79
C SER A 258 -0.72 -25.57 9.89
N ALA A 259 -1.68 -25.85 9.00
CA ALA A 259 -1.56 -26.96 8.08
C ALA A 259 -0.54 -26.69 6.98
N GLN A 260 -0.42 -25.44 6.52
CA GLN A 260 0.58 -25.18 5.49
C GLN A 260 1.99 -25.37 6.03
N THR A 261 2.20 -25.13 7.32
CA THR A 261 3.54 -25.13 7.90
C THR A 261 3.81 -26.34 8.78
N GLY A 262 2.80 -27.15 9.06
CA GLY A 262 2.98 -28.24 10.00
C GLY A 262 3.23 -27.82 11.42
N ILE A 263 3.07 -26.55 11.76
CA ILE A 263 3.31 -26.09 13.12
C ILE A 263 1.96 -25.90 13.77
N ALA A 264 1.72 -26.65 14.85
CA ALA A 264 0.47 -26.57 15.59
C ALA A 264 0.34 -25.20 16.23
N VAL A 265 -0.87 -24.65 16.19
CA VAL A 265 -1.08 -23.30 16.71
C VAL A 265 -0.51 -23.15 18.12
N LEU A 266 -0.75 -24.13 18.98
CA LEU A 266 -0.28 -24.00 20.36
C LEU A 266 1.25 -24.02 20.46
N ASP A 267 1.92 -24.60 19.47
CA ASP A 267 3.37 -24.49 19.40
C ASP A 267 3.78 -23.07 19.02
N MET A 268 3.10 -22.50 18.01
CA MET A 268 3.36 -21.11 17.67
C MET A 268 3.10 -20.19 18.85
N CYS A 269 2.11 -20.52 19.67
CA CYS A 269 1.86 -19.74 20.89
C CYS A 269 3.04 -19.81 21.86
N ALA A 270 3.62 -21.00 22.03
CA ALA A 270 4.78 -21.14 22.90
C ALA A 270 5.91 -20.19 22.46
N SER A 271 6.22 -20.18 21.16
CA SER A 271 7.25 -19.29 20.65
C SER A 271 6.90 -17.83 20.90
N LEU A 272 5.63 -17.48 20.78
CA LEU A 272 5.22 -16.09 20.97
C LEU A 272 5.36 -15.69 22.43
N LYS A 273 4.99 -16.57 23.36
CA LYS A 273 5.26 -16.30 24.77
C LYS A 273 6.74 -15.99 24.98
N GLU A 274 7.63 -16.82 24.43
CA GLU A 274 9.06 -16.55 24.58
C GLU A 274 9.43 -15.19 24.00
N LEU A 275 8.90 -14.87 22.82
CA LEU A 275 9.17 -13.55 22.24
C LEU A 275 8.66 -12.44 23.15
N LEU A 276 7.50 -12.63 23.76
CA LEU A 276 6.96 -11.61 24.63
C LEU A 276 7.77 -11.48 25.92
N GLN A 277 8.17 -12.62 26.50
CA GLN A 277 8.89 -12.60 27.77
C GLN A 277 10.33 -12.17 27.59
N ASN A 278 10.99 -12.59 26.50
CA ASN A 278 12.39 -12.29 26.30
C ASN A 278 12.65 -11.16 25.31
N GLY A 279 11.63 -10.65 24.63
CA GLY A 279 11.86 -9.66 23.60
C GLY A 279 12.59 -10.28 22.42
N MET A 280 13.02 -9.41 21.50
CA MET A 280 13.57 -9.83 20.21
C MET A 280 15.10 -9.77 20.14
N ASN A 281 15.77 -9.31 21.20
CA ASN A 281 17.23 -9.32 21.29
C ASN A 281 17.91 -8.60 20.14
N GLY A 282 17.20 -7.72 19.45
CA GLY A 282 17.76 -7.07 18.29
C GLY A 282 17.63 -7.83 16.99
N ARG A 283 17.15 -9.07 17.03
CA ARG A 283 16.87 -9.81 15.81
C ARG A 283 15.66 -9.19 15.10
N THR A 284 15.39 -9.67 13.89
CA THR A 284 14.21 -9.22 13.17
C THR A 284 13.41 -10.42 12.70
N ILE A 285 12.16 -10.15 12.32
CA ILE A 285 11.23 -11.14 11.79
C ILE A 285 10.55 -10.51 10.59
N LEU A 286 10.78 -11.07 9.40
CA LEU A 286 10.33 -10.45 8.17
C LEU A 286 10.79 -9.00 8.10
N GLY A 287 12.00 -8.76 8.57
CA GLY A 287 12.58 -7.45 8.50
C GLY A 287 12.02 -6.43 9.48
N SER A 288 11.12 -6.83 10.36
CA SER A 288 10.57 -5.93 11.37
C SER A 288 11.19 -6.22 12.72
N ALA A 289 11.54 -5.15 13.45
CA ALA A 289 12.07 -5.24 14.80
C ALA A 289 10.97 -5.26 15.84
N LEU A 290 9.72 -5.13 15.42
CA LEU A 290 8.57 -5.22 16.31
C LEU A 290 7.67 -6.34 15.82
N LEU A 291 6.78 -6.78 16.70
CA LEU A 291 5.80 -7.77 16.33
C LEU A 291 4.66 -7.05 15.63
N GLU A 292 4.26 -7.54 14.47
CA GLU A 292 3.27 -6.89 13.61
C GLU A 292 1.92 -7.55 13.83
N ASP A 293 0.89 -6.75 14.06
CA ASP A 293 -0.44 -7.27 14.36
C ASP A 293 -1.52 -6.75 13.43
N GLU A 294 -1.15 -6.20 12.26
CA GLU A 294 -2.15 -5.70 11.31
C GLU A 294 -2.18 -6.50 10.02
N PHE A 295 -1.76 -7.77 10.05
CA PHE A 295 -2.08 -8.74 9.02
C PHE A 295 -3.05 -9.76 9.62
N THR A 296 -4.20 -9.93 9.00
CA THR A 296 -5.12 -10.98 9.37
C THR A 296 -4.64 -12.33 8.82
N PRO A 297 -5.17 -13.43 9.35
CA PRO A 297 -4.91 -14.73 8.72
C PRO A 297 -5.25 -14.72 7.24
N PHE A 298 -6.39 -14.08 6.91
CA PHE A 298 -6.77 -13.94 5.51
C PHE A 298 -5.71 -13.17 4.74
N ASP A 299 -5.19 -12.09 5.31
CA ASP A 299 -4.17 -11.32 4.61
C ASP A 299 -2.93 -12.17 4.35
N VAL A 300 -2.53 -13.00 5.33
CA VAL A 300 -1.32 -13.79 5.18
C VAL A 300 -1.51 -14.81 4.08
N VAL A 301 -2.68 -15.43 4.02
CA VAL A 301 -2.97 -16.42 2.98
C VAL A 301 -2.97 -15.78 1.61
N ARG A 302 -3.82 -14.75 1.42
CA ARG A 302 -3.96 -14.07 0.14
C ARG A 302 -2.60 -13.78 -0.46
N GLN A 303 -1.64 -13.36 0.36
CA GLN A 303 -0.30 -13.08 -0.15
C GLN A 303 0.46 -14.39 -0.37
N CYS A 304 0.57 -15.21 0.68
CA CYS A 304 1.26 -16.49 0.56
C CYS A 304 0.39 -17.55 -0.12
N PHE B 7 1.34 8.97 8.92
CA PHE B 7 2.25 8.79 7.79
C PHE B 7 2.43 7.33 7.41
N ARG B 8 2.08 6.98 6.17
CA ARG B 8 2.01 5.59 5.74
C ARG B 8 2.78 5.36 4.43
N LYS B 9 3.20 4.10 4.23
CA LYS B 9 3.66 3.65 2.92
C LYS B 9 2.46 3.59 1.97
N MET B 10 2.43 4.47 0.98
CA MET B 10 1.23 4.77 0.22
C MET B 10 1.54 4.58 -1.25
N ALA B 11 0.73 3.78 -1.92
CA ALA B 11 0.86 3.57 -3.36
C ALA B 11 0.00 4.57 -4.10
N PHE B 12 0.37 4.83 -5.35
CA PHE B 12 -0.50 5.60 -6.21
C PHE B 12 -1.77 4.81 -6.49
N PRO B 13 -2.89 5.49 -6.74
CA PRO B 13 -4.10 4.80 -7.20
C PRO B 13 -3.82 4.07 -8.51
N SER B 14 -4.35 2.86 -8.62
CA SER B 14 -3.92 1.91 -9.63
C SER B 14 -4.90 1.78 -10.79
N GLY B 15 -6.05 2.47 -10.73
CA GLY B 15 -7.07 2.33 -11.76
C GLY B 15 -6.54 2.40 -13.17
N LYS B 16 -5.75 3.43 -13.48
CA LYS B 16 -5.29 3.62 -14.85
C LYS B 16 -4.47 2.42 -15.35
N VAL B 17 -3.74 1.76 -14.46
CA VAL B 17 -2.94 0.61 -14.87
C VAL B 17 -3.77 -0.67 -14.90
N GLU B 18 -4.80 -0.78 -14.05
CA GLU B 18 -5.61 -1.99 -14.05
C GLU B 18 -6.21 -2.23 -15.43
N GLY B 19 -6.70 -1.17 -16.08
CA GLY B 19 -7.24 -1.30 -17.43
C GLY B 19 -6.24 -1.63 -18.53
N CYS B 20 -4.97 -1.77 -18.20
CA CYS B 20 -3.94 -2.15 -19.15
C CYS B 20 -3.42 -3.56 -18.96
N MET B 21 -3.85 -4.28 -17.94
CA MET B 21 -3.29 -5.57 -17.63
C MET B 21 -4.04 -6.66 -18.39
N VAL B 22 -3.29 -7.55 -19.04
CA VAL B 22 -3.86 -8.66 -19.78
C VAL B 22 -3.07 -9.93 -19.47
N GLN B 23 -3.64 -11.06 -19.90
CA GLN B 23 -3.08 -12.39 -19.68
C GLN B 23 -2.38 -12.85 -20.95
N VAL B 24 -1.15 -13.34 -20.81
CA VAL B 24 -0.37 -13.81 -21.94
C VAL B 24 0.11 -15.23 -21.64
N THR B 25 -0.24 -16.17 -22.51
CA THR B 25 0.09 -17.57 -22.33
C THR B 25 0.77 -18.12 -23.58
N CYS B 26 1.83 -18.90 -23.35
CA CYS B 26 2.55 -19.63 -24.39
C CYS B 26 2.85 -20.99 -23.78
N GLY B 27 2.12 -22.02 -24.18
CA GLY B 27 2.34 -23.34 -23.62
C GLY B 27 2.17 -23.44 -22.12
N THR B 29 2.92 -22.16 -19.38
CA THR B 29 3.59 -20.89 -19.10
C THR B 29 2.72 -19.65 -19.36
N THR B 30 2.15 -19.08 -18.31
CA THR B 30 1.31 -17.90 -18.43
C THR B 30 1.91 -16.77 -17.59
N LEU B 31 1.78 -15.54 -18.07
CA LEU B 31 2.14 -14.39 -17.24
C LEU B 31 1.33 -13.18 -17.71
N ASN B 32 1.66 -12.01 -17.19
CA ASN B 32 0.92 -10.79 -17.45
C ASN B 32 1.56 -9.93 -18.53
N GLY B 33 0.71 -9.20 -19.23
CA GLY B 33 1.19 -8.25 -20.22
C GLY B 33 0.56 -6.89 -20.01
N LEU B 34 1.20 -5.89 -20.59
CA LEU B 34 0.76 -4.51 -20.51
C LEU B 34 0.31 -4.06 -21.89
N TRP B 35 -0.99 -3.80 -21.99
CA TRP B 35 -1.67 -3.48 -23.24
C TRP B 35 -1.80 -1.97 -23.33
N LEU B 36 -1.04 -1.38 -24.24
CA LEU B 36 -1.03 0.05 -24.49
C LEU B 36 -1.22 0.22 -25.99
N ASP B 37 -2.19 1.07 -26.38
CA ASP B 37 -2.58 1.20 -27.78
C ASP B 37 -2.71 -0.22 -28.34
N ASP B 38 -2.08 -0.54 -29.47
CA ASP B 38 -2.21 -1.85 -30.10
C ASP B 38 -1.02 -2.76 -29.81
N VAL B 39 -0.37 -2.57 -28.65
CA VAL B 39 0.82 -3.34 -28.31
C VAL B 39 0.68 -3.90 -26.89
N VAL B 40 1.05 -5.17 -26.75
CA VAL B 40 1.11 -5.85 -25.47
C VAL B 40 2.58 -6.13 -25.17
N TYR B 41 3.08 -5.56 -24.07
CA TYR B 41 4.45 -5.75 -23.63
C TYR B 41 4.46 -6.83 -22.56
N CYS B 42 5.39 -7.78 -22.66
CA CYS B 42 5.52 -8.79 -21.61
C CYS B 42 6.95 -9.30 -21.61
N PRO B 43 7.35 -9.99 -20.54
CA PRO B 43 8.70 -10.60 -20.52
C PRO B 43 8.84 -11.68 -21.58
N ARG B 44 10.01 -11.72 -22.20
CA ARG B 44 10.23 -12.64 -23.31
C ARG B 44 10.31 -14.11 -22.88
N HIS B 45 10.60 -14.38 -21.62
CA HIS B 45 10.70 -15.76 -21.18
C HIS B 45 9.36 -16.46 -21.11
N VAL B 46 8.27 -15.78 -21.47
CA VAL B 46 7.01 -16.48 -21.65
C VAL B 46 7.12 -17.54 -22.74
N ILE B 47 8.10 -17.44 -23.63
CA ILE B 47 8.24 -18.36 -24.75
C ILE B 47 9.09 -19.56 -24.33
N CYS B 48 9.36 -19.69 -23.04
CA CYS B 48 10.21 -20.75 -22.54
C CYS B 48 9.38 -21.86 -21.89
N THR B 49 9.85 -23.10 -22.05
CA THR B 49 9.32 -24.22 -21.30
C THR B 49 9.99 -24.28 -19.93
N SER B 50 9.58 -25.24 -19.10
CA SER B 50 10.27 -25.45 -17.84
C SER B 50 11.75 -25.70 -18.08
N GLU B 51 12.09 -26.48 -19.11
CA GLU B 51 13.48 -26.83 -19.38
C GLU B 51 14.24 -25.68 -20.03
N ASP B 52 13.59 -24.93 -20.93
CA ASP B 52 14.28 -23.90 -21.69
C ASP B 52 14.92 -22.85 -20.79
N MET B 53 14.51 -22.78 -19.51
CA MET B 53 14.82 -21.64 -18.64
C MET B 53 16.23 -21.72 -18.05
N LEU B 54 16.86 -22.88 -18.12
CA LEU B 54 18.22 -23.00 -17.61
C LEU B 54 19.20 -22.14 -18.41
N ASN B 55 19.05 -22.12 -19.73
CA ASN B 55 19.91 -21.24 -20.54
C ASN B 55 19.31 -21.06 -21.92
N PRO B 56 18.27 -20.23 -22.05
CA PRO B 56 17.59 -20.12 -23.34
C PRO B 56 18.42 -19.39 -24.38
N ASN B 57 18.24 -19.80 -25.64
CA ASN B 57 18.63 -18.99 -26.79
C ASN B 57 17.35 -18.32 -27.27
N TYR B 58 17.11 -17.07 -26.82
CA TYR B 58 15.80 -16.47 -27.05
C TYR B 58 15.52 -16.24 -28.52
N GLU B 59 16.52 -15.78 -29.28
CA GLU B 59 16.33 -15.60 -30.72
C GLU B 59 15.86 -16.89 -31.38
N ASP B 60 16.59 -17.98 -31.17
CA ASP B 60 16.18 -19.28 -31.69
C ASP B 60 14.79 -19.67 -31.20
N LEU B 61 14.51 -19.46 -29.91
CA LEU B 61 13.23 -19.88 -29.36
C LEU B 61 12.08 -19.12 -30.01
N LEU B 62 12.28 -17.83 -30.24
CA LEU B 62 11.19 -17.01 -30.76
C LEU B 62 10.88 -17.36 -32.21
N ILE B 63 11.89 -17.79 -32.97
CA ILE B 63 11.65 -18.17 -34.36
C ILE B 63 10.69 -19.35 -34.44
N ARG B 64 10.84 -20.32 -33.55
CA ARG B 64 9.93 -21.45 -33.55
C ARG B 64 8.50 -21.08 -33.18
N LYS B 65 8.25 -19.85 -32.72
CA LYS B 65 6.93 -19.49 -32.23
C LYS B 65 6.17 -18.70 -33.30
N SER B 66 4.87 -19.01 -33.40
CA SER B 66 3.97 -18.29 -34.28
C SER B 66 2.99 -17.46 -33.45
N ASN B 67 2.44 -16.43 -34.08
CA ASN B 67 1.44 -15.61 -33.41
C ASN B 67 0.39 -16.46 -32.74
N HIS B 68 -0.06 -17.53 -33.41
CA HIS B 68 -1.10 -18.37 -32.85
C HIS B 68 -0.65 -19.08 -31.58
N ASN B 69 0.65 -19.12 -31.30
CA ASN B 69 1.12 -19.67 -30.03
C ASN B 69 0.97 -18.69 -28.87
N PHE B 70 0.40 -17.51 -29.09
CA PHE B 70 0.32 -16.44 -28.09
C PHE B 70 -1.15 -16.21 -27.73
N LEU B 71 -1.58 -16.74 -26.58
CA LEU B 71 -2.95 -16.57 -26.11
C LEU B 71 -3.02 -15.32 -25.23
N VAL B 72 -3.64 -14.26 -25.75
CA VAL B 72 -3.76 -13.00 -25.02
C VAL B 72 -5.21 -12.74 -24.68
N GLN B 73 -5.49 -12.58 -23.39
CA GLN B 73 -6.86 -12.39 -22.90
C GLN B 73 -6.97 -11.10 -22.12
N ALA B 74 -7.91 -10.24 -22.52
CA ALA B 74 -8.29 -9.05 -21.78
C ALA B 74 -9.65 -9.31 -21.16
N GLY B 75 -9.65 -9.74 -19.90
CA GLY B 75 -10.88 -10.14 -19.23
C GLY B 75 -11.49 -11.40 -19.82
N ASN B 76 -12.71 -11.28 -20.31
CA ASN B 76 -13.40 -12.39 -20.96
C ASN B 76 -13.29 -12.33 -22.48
N VAL B 77 -12.50 -11.40 -23.01
CA VAL B 77 -12.29 -11.25 -24.44
C VAL B 77 -10.87 -11.73 -24.78
N GLN B 78 -10.76 -12.58 -25.80
CA GLN B 78 -9.46 -12.99 -26.33
C GLN B 78 -9.03 -12.00 -27.41
N LEU B 79 -7.77 -11.57 -27.36
CA LEU B 79 -7.22 -10.66 -28.35
C LEU B 79 -6.36 -11.43 -29.35
N ARG B 80 -6.42 -11.02 -30.62
CA ARG B 80 -5.69 -11.69 -31.69
C ARG B 80 -4.36 -10.97 -31.93
N VAL B 81 -3.26 -11.72 -31.84
CA VAL B 81 -1.92 -11.20 -32.09
C VAL B 81 -1.63 -11.26 -33.58
N ILE B 82 -1.16 -10.16 -34.15
CA ILE B 82 -0.90 -10.04 -35.57
C ILE B 82 0.54 -9.65 -35.87
N GLY B 83 1.43 -9.84 -34.91
CA GLY B 83 2.81 -9.42 -35.05
C GLY B 83 3.54 -9.54 -33.73
N HIS B 84 4.83 -9.86 -33.80
CA HIS B 84 5.70 -10.02 -32.64
C HIS B 84 7.11 -9.58 -33.05
N SER B 85 7.78 -9.15 -31.98
CA SER B 85 9.15 -8.63 -32.06
C SER B 85 9.75 -8.69 -30.64
N MET B 86 11.06 -8.72 -30.53
CA MET B 86 11.89 -8.84 -29.35
C MET B 86 12.65 -7.54 -29.27
N GLN B 87 12.53 -6.88 -28.13
CA GLN B 87 13.34 -5.70 -27.81
C GLN B 87 14.00 -5.98 -26.47
N ASN B 88 15.30 -6.22 -26.49
CA ASN B 88 16.00 -6.59 -25.25
C ASN B 88 15.28 -7.75 -24.63
N CYS B 89 14.87 -7.65 -23.36
CA CYS B 89 14.24 -8.78 -22.68
C CYS B 89 12.72 -8.69 -22.66
N VAL B 90 12.12 -7.86 -23.51
CA VAL B 90 10.67 -7.84 -23.58
C VAL B 90 10.22 -8.29 -24.96
N LEU B 91 9.03 -8.88 -24.98
CA LEU B 91 8.31 -9.19 -26.20
C LEU B 91 7.24 -8.12 -26.42
N LYS B 92 7.14 -7.67 -27.65
CA LYS B 92 6.09 -6.74 -28.07
C LYS B 92 5.17 -7.49 -29.02
N LEU B 93 3.93 -7.72 -28.58
CA LEU B 93 2.91 -8.37 -29.37
C LEU B 93 1.91 -7.34 -29.89
N LYS B 94 2.00 -7.02 -31.18
CA LYS B 94 1.02 -6.16 -31.81
C LYS B 94 -0.30 -6.93 -31.94
N VAL B 95 -1.40 -6.28 -31.57
CA VAL B 95 -2.72 -6.89 -31.58
C VAL B 95 -3.61 -6.09 -32.51
N ASP B 96 -4.79 -6.64 -32.82
CA ASP B 96 -5.70 -6.00 -33.76
C ASP B 96 -6.44 -4.82 -33.15
N THR B 97 -6.50 -4.74 -31.82
CA THR B 97 -7.30 -3.75 -31.11
C THR B 97 -6.40 -2.87 -30.27
N ALA B 98 -6.57 -1.55 -30.39
CA ALA B 98 -5.97 -0.60 -29.46
C ALA B 98 -6.76 -0.60 -28.16
N ASN B 99 -6.05 -0.48 -27.04
CA ASN B 99 -6.72 -0.51 -25.75
C ASN B 99 -7.57 0.74 -25.58
N PRO B 100 -8.90 0.63 -25.52
CA PRO B 100 -9.72 1.85 -25.33
C PRO B 100 -9.47 2.50 -23.99
N LYS B 101 -8.91 1.76 -23.04
CA LYS B 101 -8.60 2.26 -21.71
C LYS B 101 -7.16 2.78 -21.60
N THR B 102 -6.46 2.96 -22.72
CA THR B 102 -5.07 3.38 -22.67
C THR B 102 -4.97 4.76 -22.01
N PRO B 103 -4.30 4.90 -20.88
CA PRO B 103 -4.06 6.23 -20.30
C PRO B 103 -2.97 6.96 -21.06
N LYS B 104 -2.83 8.25 -20.77
CA LYS B 104 -1.61 8.95 -21.16
C LYS B 104 -0.43 8.35 -20.41
N TYR B 105 0.67 8.11 -21.12
CA TYR B 105 1.75 7.37 -20.50
C TYR B 105 3.10 7.68 -21.13
N LYS B 106 4.14 7.42 -20.35
CA LYS B 106 5.52 7.41 -20.81
C LYS B 106 6.25 6.20 -20.20
N PHE B 107 7.29 5.78 -20.90
CA PHE B 107 8.26 4.81 -20.37
C PHE B 107 9.46 5.58 -19.84
N VAL B 108 9.88 5.26 -18.61
CA VAL B 108 11.06 5.91 -18.02
C VAL B 108 11.91 4.86 -17.34
N ARG B 109 13.20 5.09 -17.33
CA ARG B 109 14.14 4.27 -16.58
C ARG B 109 14.48 5.06 -15.32
N ILE B 110 14.05 4.54 -14.18
CA ILE B 110 14.23 5.27 -12.92
C ILE B 110 15.63 5.06 -12.38
N GLN B 111 16.00 5.85 -11.45
CA GLN B 111 17.30 5.77 -10.78
C GLN B 111 17.20 5.00 -9.48
N PRO B 112 18.30 4.40 -9.05
CA PRO B 112 18.34 3.80 -7.72
C PRO B 112 18.03 4.84 -6.66
N GLY B 113 17.30 4.42 -5.64
CA GLY B 113 16.82 5.28 -4.59
C GLY B 113 15.45 5.85 -4.81
N GLN B 114 14.93 5.79 -6.05
CA GLN B 114 13.59 6.23 -6.37
C GLN B 114 12.58 5.13 -6.06
N THR B 115 11.34 5.55 -5.86
CA THR B 115 10.27 4.65 -5.50
C THR B 115 9.25 4.58 -6.61
N PHE B 116 8.38 3.58 -6.51
CA PHE B 116 7.29 3.44 -7.45
C PHE B 116 6.26 2.51 -6.84
N SER B 117 5.07 2.52 -7.41
CA SER B 117 4.03 1.60 -7.03
C SER B 117 4.09 0.39 -7.95
N VAL B 118 3.85 -0.78 -7.37
CA VAL B 118 3.74 -2.04 -8.09
C VAL B 118 2.29 -2.48 -8.00
N LEU B 119 1.71 -2.82 -9.17
CA LEU B 119 0.40 -3.48 -9.25
C LEU B 119 0.68 -4.96 -9.46
N ALA B 120 0.68 -5.71 -8.36
CA ALA B 120 0.91 -7.14 -8.39
C ALA B 120 -0.25 -7.83 -9.08
N CYS B 121 0.05 -8.61 -10.12
CA CYS B 121 -0.97 -9.24 -10.93
C CYS B 121 -0.68 -10.73 -11.08
N TYR B 122 -1.75 -11.51 -11.28
CA TYR B 122 -1.68 -12.93 -11.59
C TYR B 122 -2.76 -13.27 -12.60
N ASN B 123 -2.39 -14.02 -13.63
CA ASN B 123 -3.31 -14.40 -14.71
C ASN B 123 -4.00 -13.20 -15.32
N GLY B 124 -3.25 -12.10 -15.44
CA GLY B 124 -3.78 -10.88 -16.02
C GLY B 124 -4.75 -10.10 -15.15
N SER B 125 -4.97 -10.52 -13.91
CA SER B 125 -5.89 -9.85 -13.00
C SER B 125 -5.15 -9.21 -11.84
N PRO B 126 -5.38 -7.92 -11.57
CA PRO B 126 -4.71 -7.28 -10.44
C PRO B 126 -5.13 -7.89 -9.11
N SER B 127 -4.16 -8.16 -8.24
CA SER B 127 -4.47 -8.61 -6.89
C SER B 127 -4.08 -7.62 -5.79
N GLY B 128 -3.13 -6.73 -6.01
CA GLY B 128 -2.69 -5.84 -4.96
C GLY B 128 -1.74 -4.79 -5.46
N VAL B 129 -1.58 -3.74 -4.65
CA VAL B 129 -0.74 -2.62 -5.01
C VAL B 129 0.06 -2.22 -3.78
N TYR B 130 1.34 -1.92 -4.00
CA TYR B 130 2.22 -1.55 -2.90
C TYR B 130 3.41 -0.75 -3.44
N GLN B 131 4.00 0.03 -2.54
CA GLN B 131 5.09 0.95 -2.86
C GLN B 131 6.42 0.24 -2.69
N CYS B 132 7.31 0.43 -3.66
CA CYS B 132 8.62 -0.19 -3.68
C CYS B 132 9.69 0.87 -3.90
N ALA B 133 10.92 0.51 -3.56
CA ALA B 133 12.09 1.31 -3.91
C ALA B 133 13.03 0.49 -4.79
N MET B 134 13.60 1.14 -5.78
CA MET B 134 14.75 0.59 -6.49
C MET B 134 15.98 0.71 -5.59
N ARG B 135 16.48 -0.44 -5.11
CA ARG B 135 17.63 -0.44 -4.22
C ARG B 135 18.89 0.05 -4.93
N PRO B 136 19.89 0.50 -4.19
CA PRO B 136 21.17 0.88 -4.82
C PRO B 136 21.77 -0.21 -5.69
N ASN B 137 21.55 -1.49 -5.35
CA ASN B 137 22.06 -2.59 -6.15
C ASN B 137 21.07 -3.05 -7.22
N PHE B 138 20.04 -2.24 -7.49
CA PHE B 138 19.15 -2.44 -8.62
C PHE B 138 18.27 -3.68 -8.48
N THR B 139 18.05 -4.10 -7.25
CA THR B 139 16.99 -5.05 -6.92
C THR B 139 15.81 -4.30 -6.29
N ILE B 140 14.73 -5.03 -6.10
CA ILE B 140 13.62 -4.51 -5.32
C ILE B 140 13.16 -5.61 -4.38
N LYS B 141 12.65 -5.18 -3.23
CA LYS B 141 12.17 -6.09 -2.20
C LYS B 141 10.66 -6.11 -2.36
N GLY B 142 10.16 -7.06 -3.16
CA GLY B 142 8.76 -7.15 -3.47
C GLY B 142 8.07 -8.32 -2.78
N SER B 143 6.84 -8.55 -3.19
CA SER B 143 6.05 -9.73 -2.81
C SER B 143 5.47 -10.22 -4.13
N PHE B 144 6.15 -11.20 -4.73
CA PHE B 144 5.85 -11.68 -6.07
C PHE B 144 5.78 -13.19 -6.00
N LEU B 145 4.71 -13.77 -6.51
CA LEU B 145 4.59 -15.21 -6.59
C LEU B 145 4.79 -15.66 -8.03
N ASN B 146 4.76 -16.96 -8.24
CA ASN B 146 4.76 -17.48 -9.60
C ASN B 146 3.58 -16.90 -10.34
N GLY B 147 3.79 -16.64 -11.63
CA GLY B 147 2.80 -15.94 -12.42
C GLY B 147 2.80 -14.43 -12.29
N SER B 148 3.63 -13.86 -11.42
CA SER B 148 3.62 -12.41 -11.23
C SER B 148 4.44 -11.68 -12.29
N CYS B 149 5.17 -12.40 -13.14
CA CYS B 149 5.96 -11.73 -14.15
C CYS B 149 5.06 -10.94 -15.09
N GLY B 150 5.59 -9.80 -15.55
CA GLY B 150 4.83 -8.85 -16.34
C GLY B 150 4.03 -7.86 -15.53
N SER B 151 3.87 -8.07 -14.23
CA SER B 151 3.37 -7.00 -13.37
C SER B 151 4.28 -5.79 -13.53
N VAL B 152 3.72 -4.59 -13.36
CA VAL B 152 4.52 -3.41 -13.62
C VAL B 152 4.58 -2.47 -12.42
N GLY B 153 5.63 -1.67 -12.41
CA GLY B 153 5.80 -0.59 -11.46
C GLY B 153 5.66 0.71 -12.21
N PHE B 154 5.15 1.71 -11.51
CA PHE B 154 4.80 2.96 -12.15
C PHE B 154 4.71 4.09 -11.14
N ASN B 155 4.89 5.32 -11.64
CA ASN B 155 4.50 6.54 -10.95
C ASN B 155 3.41 7.24 -11.77
N ILE B 156 2.63 8.07 -11.10
CA ILE B 156 1.60 8.89 -11.75
C ILE B 156 1.95 10.34 -11.47
N ASP B 157 2.27 11.08 -12.53
CA ASP B 157 2.60 12.50 -12.48
C ASP B 157 1.64 13.26 -13.39
N TYR B 158 0.83 14.15 -12.80
CA TYR B 158 -0.25 14.81 -13.53
C TYR B 158 -1.35 13.79 -13.77
N ASP B 159 -1.68 13.55 -15.04
CA ASP B 159 -2.50 12.40 -15.42
C ASP B 159 -1.69 11.39 -16.21
N CYS B 160 -0.37 11.58 -16.28
CA CYS B 160 0.52 10.75 -17.05
C CYS B 160 1.06 9.60 -16.20
N VAL B 161 0.91 8.38 -16.70
CA VAL B 161 1.45 7.20 -16.03
C VAL B 161 2.85 6.96 -16.56
N SER B 162 3.83 7.01 -15.67
CA SER B 162 5.22 6.77 -16.01
C SER B 162 5.53 5.34 -15.57
N PHE B 163 5.49 4.42 -16.53
CA PHE B 163 5.86 3.03 -16.29
C PHE B 163 7.37 2.93 -16.20
N CYS B 164 7.88 2.31 -15.12
CA CYS B 164 9.32 2.20 -14.92
C CYS B 164 9.83 0.78 -14.73
N TYR B 165 8.98 -0.19 -14.48
CA TYR B 165 9.43 -1.50 -14.10
C TYR B 165 8.48 -2.55 -14.64
N MET B 166 9.06 -3.66 -15.11
CA MET B 166 8.33 -4.88 -15.42
C MET B 166 9.06 -6.02 -14.74
N HIS B 167 8.31 -6.87 -14.04
CA HIS B 167 8.91 -7.91 -13.21
C HIS B 167 9.22 -9.16 -14.01
N HIS B 168 10.41 -9.71 -13.77
CA HIS B 168 10.91 -10.90 -14.46
C HIS B 168 11.32 -12.03 -13.54
N MET B 169 12.00 -11.76 -12.42
CA MET B 169 12.59 -12.85 -11.68
C MET B 169 12.79 -12.55 -10.20
N GLU B 170 12.88 -13.62 -9.42
CA GLU B 170 13.40 -13.60 -8.06
C GLU B 170 14.84 -14.14 -8.08
N LEU B 171 15.72 -13.49 -7.33
CA LEU B 171 17.08 -13.94 -7.11
C LEU B 171 17.12 -14.92 -5.94
N PRO B 172 18.27 -15.50 -5.59
CA PRO B 172 18.30 -16.45 -4.46
C PRO B 172 18.19 -15.79 -3.11
N THR B 173 18.48 -14.49 -3.00
CA THR B 173 18.27 -13.77 -1.75
C THR B 173 16.79 -13.59 -1.42
N GLY B 174 15.89 -13.89 -2.33
CA GLY B 174 14.49 -13.62 -2.14
C GLY B 174 14.06 -12.26 -2.65
N VAL B 175 15.01 -11.44 -3.10
CA VAL B 175 14.73 -10.16 -3.73
C VAL B 175 14.44 -10.37 -5.21
N HIS B 176 14.13 -9.28 -5.92
CA HIS B 176 13.56 -9.34 -7.26
C HIS B 176 14.30 -8.42 -8.21
N ALA B 177 14.21 -8.74 -9.50
CA ALA B 177 14.89 -8.03 -10.55
C ALA B 177 13.99 -7.98 -11.77
N GLY B 178 14.15 -6.94 -12.57
CA GLY B 178 13.30 -6.78 -13.73
C GLY B 178 13.84 -5.69 -14.62
N THR B 179 13.04 -5.30 -15.60
CA THR B 179 13.52 -4.41 -16.66
C THR B 179 12.72 -3.10 -16.67
N ASP B 180 13.21 -2.13 -17.45
CA ASP B 180 12.35 -1.04 -17.88
C ASP B 180 11.43 -1.53 -18.99
N LEU B 181 10.58 -0.66 -19.50
CA LEU B 181 9.58 -1.10 -20.46
C LEU B 181 10.15 -1.25 -21.88
N GLU B 182 11.44 -0.96 -22.05
CA GLU B 182 12.16 -1.29 -23.27
C GLU B 182 12.94 -2.59 -23.14
N GLY B 183 12.81 -3.27 -22.00
CA GLY B 183 13.37 -4.59 -21.81
C GLY B 183 14.77 -4.65 -21.28
N ASN B 184 15.35 -3.52 -20.86
CA ASN B 184 16.70 -3.50 -20.31
C ASN B 184 16.64 -3.74 -18.82
N PHE B 185 17.34 -4.77 -18.35
CA PHE B 185 17.33 -5.04 -16.92
C PHE B 185 17.89 -3.85 -16.16
N TYR B 186 17.30 -3.59 -15.00
CA TYR B 186 18.00 -2.85 -13.95
C TYR B 186 19.03 -3.80 -13.34
N GLY B 187 20.27 -3.35 -13.25
CA GLY B 187 21.32 -4.16 -12.65
C GLY B 187 22.01 -5.09 -13.60
N PRO B 188 22.86 -5.98 -13.05
CA PRO B 188 23.64 -6.90 -13.89
C PRO B 188 22.94 -8.20 -14.28
N PHE B 189 21.63 -8.30 -14.08
CA PHE B 189 20.93 -9.57 -14.18
C PHE B 189 20.53 -9.92 -15.62
N VAL B 190 20.34 -11.22 -15.84
CA VAL B 190 19.89 -11.75 -17.12
C VAL B 190 18.71 -12.68 -16.86
N ASP B 191 17.82 -12.80 -17.84
CA ASP B 191 16.64 -13.64 -17.70
C ASP B 191 17.00 -15.08 -18.07
N ARG B 192 17.74 -15.69 -17.15
CA ARG B 192 18.12 -17.09 -17.20
C ARG B 192 18.17 -17.61 -15.77
N GLN B 193 17.82 -18.89 -15.59
CA GLN B 193 17.75 -19.49 -14.26
C GLN B 193 19.09 -20.10 -13.90
N THR B 194 20.08 -19.24 -13.73
CA THR B 194 21.36 -19.65 -13.16
C THR B 194 21.73 -18.68 -12.05
N ALA B 195 22.70 -19.09 -11.23
CA ALA B 195 23.13 -18.29 -10.09
C ALA B 195 23.49 -16.88 -10.52
N GLN B 196 23.04 -15.90 -9.74
CA GLN B 196 23.29 -14.50 -10.04
C GLN B 196 23.41 -13.71 -8.75
N ALA B 197 24.45 -12.89 -8.65
CA ALA B 197 24.72 -12.13 -7.44
C ALA B 197 24.24 -10.70 -7.59
N ALA B 198 23.49 -10.22 -6.62
CA ALA B 198 23.23 -8.80 -6.46
C ALA B 198 24.38 -8.23 -5.64
N GLY B 199 24.82 -7.04 -5.98
CA GLY B 199 25.86 -6.41 -5.18
C GLY B 199 25.46 -6.31 -3.71
N THR B 200 26.45 -5.96 -2.88
CA THR B 200 26.14 -5.49 -1.54
C THR B 200 25.16 -4.32 -1.66
N ASP B 201 24.08 -4.38 -0.90
CA ASP B 201 23.13 -3.27 -0.90
C ASP B 201 23.62 -2.19 0.06
N THR B 202 23.02 -1.01 -0.04
CA THR B 202 23.30 0.06 0.91
C THR B 202 22.00 0.76 1.25
N THR B 203 22.05 1.55 2.32
CA THR B 203 20.90 2.32 2.77
C THR B 203 20.86 3.65 2.05
N ILE B 204 19.66 4.02 1.61
CA ILE B 204 19.45 5.26 0.84
C ILE B 204 19.39 6.41 1.82
N THR B 205 20.54 7.06 2.03
CA THR B 205 20.67 8.04 3.10
C THR B 205 19.70 9.21 2.93
N VAL B 206 19.61 9.76 1.72
CA VAL B 206 18.71 10.89 1.52
C VAL B 206 17.28 10.53 1.90
N ASN B 207 16.87 9.26 1.70
CA ASN B 207 15.51 8.85 2.03
C ASN B 207 15.32 8.75 3.55
N VAL B 208 16.30 8.24 4.27
CA VAL B 208 16.17 8.18 5.73
C VAL B 208 15.97 9.59 6.29
N LEU B 209 16.73 10.56 5.79
CA LEU B 209 16.56 11.93 6.25
C LEU B 209 15.16 12.44 5.90
N ALA B 210 14.67 12.12 4.70
CA ALA B 210 13.33 12.56 4.34
C ALA B 210 12.32 12.01 5.34
N TRP B 211 12.52 10.75 5.75
CA TRP B 211 11.64 10.09 6.70
C TRP B 211 11.78 10.67 8.10
N LEU B 212 12.99 11.08 8.49
CA LEU B 212 13.15 11.77 9.77
C LEU B 212 12.39 13.08 9.78
N TYR B 213 12.36 13.77 8.64
CA TYR B 213 11.57 14.99 8.54
C TYR B 213 10.08 14.70 8.62
N ALA B 214 9.65 13.62 7.95
CA ALA B 214 8.26 13.19 8.08
C ALA B 214 7.92 12.94 9.54
N ALA B 215 8.89 12.41 10.30
CA ALA B 215 8.63 12.15 11.71
C ALA B 215 8.40 13.45 12.47
N VAL B 216 9.28 14.43 12.28
CA VAL B 216 9.13 15.72 12.93
C VAL B 216 7.81 16.35 12.56
N ILE B 217 7.45 16.31 11.28
CA ILE B 217 6.19 16.88 10.80
C ILE B 217 5.01 16.26 11.52
N ASN B 218 5.13 14.98 11.92
CA ASN B 218 4.04 14.25 12.56
C ASN B 218 4.15 14.22 14.09
N GLY B 219 5.06 14.99 14.67
CA GLY B 219 5.16 15.10 16.11
C GLY B 219 6.28 14.31 16.76
N ASP B 220 6.91 13.40 16.04
CA ASP B 220 8.03 12.61 16.59
C ASP B 220 9.30 13.45 16.51
N ARG B 221 9.76 13.96 17.66
CA ARG B 221 10.88 14.89 17.70
C ARG B 221 12.02 14.51 18.65
N TRP B 222 11.92 13.39 19.37
CA TRP B 222 12.89 13.07 20.41
C TRP B 222 14.32 12.94 19.91
N PHE B 223 14.52 12.65 18.62
CA PHE B 223 15.86 12.34 18.12
C PHE B 223 16.65 13.60 17.74
N LEU B 224 16.04 14.77 17.84
CA LEU B 224 16.75 16.02 17.54
C LEU B 224 17.74 16.36 18.66
N ASN B 225 18.81 17.08 18.28
CA ASN B 225 19.83 17.48 19.25
C ASN B 225 20.40 18.86 18.97
N PHE B 227 23.63 19.14 18.65
CA PHE B 227 24.87 18.76 17.99
C PHE B 227 24.73 19.11 16.50
N THR B 228 25.83 19.03 15.76
CA THR B 228 25.82 19.24 14.31
C THR B 228 26.96 18.44 13.70
N THR B 229 27.15 18.61 12.39
CA THR B 229 28.17 17.89 11.62
C THR B 229 28.32 18.57 10.26
N THR B 230 29.41 18.23 9.56
CA THR B 230 29.63 18.66 8.18
C THR B 230 29.36 17.50 7.21
N LEU B 231 29.04 17.85 5.97
CA LEU B 231 28.74 16.85 4.95
C LEU B 231 29.87 15.83 4.83
N ASN B 232 31.12 16.29 4.86
CA ASN B 232 32.23 15.36 4.74
C ASN B 232 32.39 14.52 5.99
N ASP B 233 32.12 15.10 7.17
CA ASP B 233 32.24 14.32 8.41
C ASP B 233 31.14 13.26 8.51
N PHE B 234 29.88 13.64 8.24
CA PHE B 234 28.79 12.68 8.28
C PHE B 234 29.07 11.49 7.36
N ASN B 235 29.65 11.74 6.19
CA ASN B 235 29.86 10.66 5.23
C ASN B 235 30.86 9.63 5.75
N LEU B 236 31.89 10.08 6.47
CA LEU B 236 32.81 9.12 7.08
C LEU B 236 32.08 8.21 8.07
N VAL B 237 31.13 8.77 8.82
CA VAL B 237 30.27 7.95 9.66
C VAL B 237 29.38 7.05 8.82
N ALA B 238 28.75 7.63 7.79
CA ALA B 238 27.84 6.86 6.94
C ALA B 238 28.51 5.64 6.36
N MET B 239 29.75 5.79 5.86
CA MET B 239 30.48 4.67 5.28
C MET B 239 30.63 3.54 6.28
N LYS B 240 30.85 3.86 7.56
CA LYS B 240 30.99 2.82 8.57
C LYS B 240 29.74 1.96 8.63
N TYR B 241 28.57 2.58 8.54
CA TYR B 241 27.29 1.89 8.75
C TYR B 241 26.63 1.50 7.44
N ASN B 242 27.37 1.47 6.34
CA ASN B 242 26.83 1.06 5.05
C ASN B 242 25.67 1.94 4.63
N TYR B 243 25.86 3.26 4.77
CA TYR B 243 24.92 4.24 4.25
C TYR B 243 25.54 4.86 3.01
N GLU B 244 24.69 5.11 2.01
CA GLU B 244 25.10 5.85 0.83
C GLU B 244 25.70 7.19 1.25
N PRO B 245 26.74 7.66 0.56
CA PRO B 245 27.25 9.01 0.87
C PRO B 245 26.26 10.10 0.45
N LEU B 246 26.20 11.14 1.26
CA LEU B 246 25.30 12.26 1.00
C LEU B 246 26.04 13.34 0.22
N THR B 247 25.50 13.72 -0.93
CA THR B 247 26.06 14.77 -1.73
C THR B 247 25.28 16.07 -1.50
N GLN B 248 25.84 17.16 -2.02
CA GLN B 248 25.15 18.44 -1.93
C GLN B 248 23.84 18.42 -2.70
N ASP B 249 23.77 17.66 -3.79
CA ASP B 249 22.50 17.56 -4.51
C ASP B 249 21.42 16.97 -3.61
N HIS B 250 21.78 16.02 -2.76
CA HIS B 250 20.83 15.47 -1.80
C HIS B 250 20.39 16.51 -0.78
N VAL B 251 21.34 17.32 -0.29
CA VAL B 251 21.00 18.40 0.64
C VAL B 251 19.96 19.32 0.03
N ASP B 252 20.20 19.76 -1.21
CA ASP B 252 19.28 20.66 -1.90
C ASP B 252 17.90 20.01 -2.10
N ILE B 253 17.89 18.71 -2.42
CA ILE B 253 16.65 17.97 -2.58
C ILE B 253 15.86 17.93 -1.28
N LEU B 254 16.54 17.93 -0.16
CA LEU B 254 15.89 17.94 1.14
C LEU B 254 15.47 19.33 1.56
N GLY B 255 15.84 20.36 0.81
CA GLY B 255 15.51 21.73 1.16
C GLY B 255 14.07 21.96 1.56
N PRO B 256 13.13 21.47 0.76
CA PRO B 256 11.72 21.72 1.08
C PRO B 256 11.31 21.27 2.46
N LEU B 257 11.75 20.08 2.86
CA LEU B 257 11.43 19.57 4.20
C LEU B 257 12.16 20.39 5.27
N SER B 258 13.39 20.80 4.97
CA SER B 258 14.13 21.65 5.90
C SER B 258 13.36 22.93 6.19
N ALA B 259 12.78 23.53 5.15
CA ALA B 259 12.08 24.80 5.30
C ALA B 259 10.76 24.64 6.03
N GLN B 260 10.06 23.52 5.82
CA GLN B 260 8.82 23.27 6.54
C GLN B 260 9.06 23.09 8.03
N THR B 261 10.25 22.62 8.41
CA THR B 261 10.50 22.22 9.79
C THR B 261 11.43 23.17 10.53
N GLY B 262 12.06 24.12 9.84
CA GLY B 262 13.08 24.93 10.47
C GLY B 262 14.32 24.18 10.88
N ILE B 263 14.48 22.94 10.43
CA ILE B 263 15.64 22.12 10.79
C ILE B 263 16.56 22.04 9.58
N ALA B 264 17.78 22.53 9.75
CA ALA B 264 18.76 22.49 8.67
C ALA B 264 19.18 21.06 8.37
N VAL B 265 19.35 20.78 7.06
CA VAL B 265 19.70 19.43 6.63
C VAL B 265 20.87 18.89 7.44
N LEU B 266 21.96 19.67 7.54
CA LEU B 266 23.14 19.19 8.25
C LEU B 266 22.86 19.01 9.74
N ASP B 267 21.87 19.71 10.28
CA ASP B 267 21.42 19.45 11.65
C ASP B 267 20.73 18.09 11.74
N MET B 268 19.83 17.81 10.80
CA MET B 268 19.21 16.48 10.73
C MET B 268 20.27 15.39 10.56
N CYS B 269 21.30 15.65 9.74
CA CYS B 269 22.37 14.67 9.61
C CYS B 269 23.03 14.43 10.96
N ALA B 270 23.25 15.50 11.72
CA ALA B 270 23.79 15.35 13.07
C ALA B 270 22.94 14.38 13.88
N SER B 271 21.61 14.56 13.86
CA SER B 271 20.72 13.66 14.59
C SER B 271 20.84 12.23 14.07
N LEU B 272 20.97 12.07 12.75
CA LEU B 272 21.05 10.74 12.17
C LEU B 272 22.38 10.07 12.54
N LYS B 273 23.46 10.84 12.55
CA LYS B 273 24.72 10.31 13.07
C LYS B 273 24.54 9.72 14.46
N GLU B 274 23.91 10.46 15.37
CA GLU B 274 23.72 9.96 16.73
C GLU B 274 22.90 8.67 16.73
N LEU B 275 21.83 8.61 15.93
CA LEU B 275 21.00 7.42 15.88
C LEU B 275 21.78 6.21 15.40
N LEU B 276 22.64 6.39 14.40
CA LEU B 276 23.42 5.27 13.90
C LEU B 276 24.42 4.80 14.94
N GLN B 277 25.12 5.74 15.60
CA GLN B 277 26.17 5.39 16.56
C GLN B 277 25.59 4.87 17.86
N ASN B 278 24.52 5.49 18.34
CA ASN B 278 23.96 5.17 19.66
C ASN B 278 22.74 4.27 19.58
N GLY B 279 22.24 3.98 18.39
CA GLY B 279 21.03 3.19 18.28
C GLY B 279 19.80 3.92 18.76
N MET B 280 18.72 3.15 18.89
CA MET B 280 17.41 3.72 19.16
C MET B 280 16.98 3.64 20.62
N ASN B 281 17.80 3.02 21.49
CA ASN B 281 17.53 2.96 22.93
C ASN B 281 16.14 2.39 23.23
N GLY B 282 15.54 1.69 22.26
CA GLY B 282 14.22 1.14 22.40
C GLY B 282 13.07 2.06 22.05
N ARG B 283 13.32 3.35 21.83
CA ARG B 283 12.27 4.24 21.36
C ARG B 283 11.91 3.89 19.91
N THR B 284 10.88 4.54 19.41
CA THR B 284 10.47 4.34 18.02
C THR B 284 10.33 5.69 17.33
N ILE B 285 10.26 5.63 16.00
CA ILE B 285 10.09 6.80 15.14
C ILE B 285 9.00 6.47 14.15
N LEU B 286 7.89 7.21 14.22
CA LEU B 286 6.69 6.91 13.43
C LEU B 286 6.30 5.45 13.57
N GLY B 287 6.41 4.94 14.79
CA GLY B 287 6.00 3.59 15.09
C GLY B 287 6.91 2.49 14.59
N SER B 288 8.05 2.84 14.00
CA SER B 288 9.00 1.84 13.53
C SER B 288 10.18 1.76 14.48
N ALA B 289 10.64 0.53 14.73
CA ALA B 289 11.85 0.29 15.50
C ALA B 289 13.11 0.29 14.64
N LEU B 290 12.98 0.44 13.33
CA LEU B 290 14.12 0.53 12.43
C LEU B 290 14.07 1.83 11.64
N LEU B 291 15.18 2.19 11.01
CA LEU B 291 15.20 3.37 10.15
C LEU B 291 14.72 3.00 8.74
N GLU B 292 13.79 3.80 8.20
CA GLU B 292 13.13 3.53 6.93
C GLU B 292 13.79 4.34 5.82
N ASP B 293 14.13 3.67 4.71
CA ASP B 293 14.85 4.33 3.61
C ASP B 293 14.15 4.16 2.25
N GLU B 294 12.85 3.84 2.24
CA GLU B 294 12.09 3.73 1.00
C GLU B 294 11.01 4.81 0.90
N PHE B 295 11.22 5.94 1.57
CA PHE B 295 10.49 7.18 1.26
C PHE B 295 11.44 8.19 0.65
N THR B 296 11.11 8.68 -0.56
CA THR B 296 11.88 9.78 -1.11
C THR B 296 11.46 11.11 -0.47
N PRO B 297 12.30 12.13 -0.59
CA PRO B 297 11.84 13.48 -0.22
C PRO B 297 10.56 13.85 -0.96
N PHE B 298 10.46 13.49 -2.24
CA PHE B 298 9.24 13.75 -2.99
C PHE B 298 8.05 13.03 -2.36
N ASP B 299 8.25 11.78 -1.93
CA ASP B 299 7.13 11.04 -1.35
C ASP B 299 6.61 11.73 -0.10
N VAL B 300 7.52 12.27 0.72
CA VAL B 300 7.10 12.87 1.97
C VAL B 300 6.28 14.14 1.69
N VAL B 301 6.73 14.95 0.74
CA VAL B 301 5.99 16.16 0.41
C VAL B 301 4.62 15.79 -0.14
N ARG B 302 4.58 14.93 -1.17
CA ARG B 302 3.34 14.47 -1.76
C ARG B 302 2.34 14.08 -0.69
N GLN B 303 2.81 13.44 0.38
CA GLN B 303 1.88 13.02 1.43
C GLN B 303 1.42 14.20 2.28
N CYS B 304 2.36 14.94 2.86
CA CYS B 304 2.02 16.09 3.68
C CYS B 304 1.71 17.36 2.88
CL CL C . 9.97 -2.13 12.78
C02 WIX D . -11.38 16.85 18.46
C03 WIX D . -10.60 16.87 17.28
C04 WIX D . -9.88 18.02 16.94
C05 WIX D . -8.99 18.11 15.63
C06 WIX D . -8.83 19.59 15.14
C08 WIX D . -9.61 17.28 14.43
C10 WIX D . -11.67 17.01 13.24
C12 WIX D . -13.62 16.98 11.72
C13 WIX D . -15.00 17.61 11.56
C14 WIX D . -15.93 17.43 12.82
C15 WIX D . -17.32 18.08 12.69
C16 WIX D . -16.08 15.94 13.15
C17 WIX D . -12.76 17.18 10.43
C19 WIX D . -11.56 16.32 8.27
C20 WIX D . -10.38 15.32 8.31
C21 WIX D . -9.45 15.56 9.57
C22 WIX D . -8.28 14.66 9.62
C24 WIX D . -7.31 16.74 9.94
C25 WIX D . -8.79 16.97 9.57
C27 WIX D . -12.61 16.03 7.12
C31 WIX D . -9.95 19.15 17.81
C32 WIX D . -10.74 19.10 18.99
C33 WIX D . -11.46 17.94 19.34
N11 WIX D . -12.88 17.52 12.79
N18 WIX D . -12.36 16.17 9.56
N23 WIX D . -7.03 15.31 9.81
O07 WIX D . -7.70 17.52 15.91
O09 WIX D . -11.03 17.43 14.38
O26 WIX D . -8.38 13.41 9.51
O28 WIX D . -11.88 16.19 5.88
O29 WIX D . -12.41 18.36 10.13
O30 WIX D . -11.06 16.09 12.63
CL01 WIX D . -12.29 15.36 18.87
C14 WJ0 E . -15.89 17.42 12.74
C15 WJ0 E . -17.27 18.08 12.64
C16 WJ0 E . -16.08 15.91 13.08
C17 WJ0 E . -12.65 17.11 10.40
C19 WJ0 E . -11.47 16.23 8.26
C20 WJ0 E . -10.25 15.27 8.37
C02 WJ0 E . -11.18 16.67 18.50
C03 WJ0 E . -10.40 16.77 17.33
C04 WJ0 E . -9.85 18.01 16.96
C05 WJ0 E . -8.97 18.17 15.66
C06 WJ0 E . -7.45 17.69 15.89
C08 WJ0 E . -9.59 17.43 14.40
C10 WJ0 E . -11.66 17.00 13.26
C12 WJ0 E . -13.58 16.91 11.65
C13 WJ0 E . -14.97 17.57 11.46
C21 WJ0 E . -9.33 15.54 9.60
C22 WJ0 E . -8.14 14.66 9.66
C24 WJ0 E . -7.22 16.77 9.93
C25 WJ0 E . -8.71 16.95 9.56
C27 WJ0 E . -12.33 15.85 6.98
C31 WJ0 E . -10.07 19.14 17.79
C32 WJ0 E . -10.86 19.01 18.99
C33 WJ0 E . -11.42 17.77 19.35
N11 WJ0 E . -12.88 17.46 12.78
N18 WJ0 E . -12.33 16.08 9.48
N23 WJ0 E . -6.91 15.33 9.81
O07 WJ0 E . -8.99 19.54 15.29
O09 WJ0 E . -11.01 17.51 14.37
O26 WJ0 E . -8.22 13.40 9.56
O28 WJ0 E . -13.26 16.96 6.81
O29 WJ0 E . -12.13 18.26 10.22
O30 WJ0 E . -11.07 16.04 12.71
CL01 WJ0 E . -11.89 15.06 18.96
C02 WIX F . 17.95 -17.86 -10.35
C03 WIX F . 16.70 -17.75 -9.71
C04 WIX F . 16.05 -18.92 -9.25
C05 WIX F . 14.64 -18.87 -8.53
C06 WIX F . 14.07 -20.27 -8.32
C08 WIX F . 13.56 -18.03 -9.33
C10 WIX F . 12.99 -17.29 -11.57
C12 WIX F . 11.96 -16.66 -13.79
C13 WIX F . 12.16 -17.06 -15.29
C14 WIX F . 13.65 -16.97 -15.76
C15 WIX F . 13.82 -17.36 -17.24
C16 WIX F . 14.22 -15.56 -15.52
C17 WIX F . 10.46 -16.70 -13.35
C19 WIX F . 8.27 -15.63 -12.42
C20 WIX F . 8.07 -14.95 -10.92
C21 WIX F . 9.18 -15.36 -9.88
C22 WIX F . 9.07 -14.74 -8.52
C24 WIX F . 8.72 -16.99 -8.06
C25 WIX F . 9.16 -16.87 -9.55
C27 WIX F . 7.40 -14.97 -13.54
C31 WIX F . 16.70 -20.17 -9.42
C32 WIX F . 17.97 -20.24 -10.05
C33 WIX F . 18.60 -19.08 -10.51
N11 WIX F . 12.73 -17.54 -12.92
N18 WIX F . 9.73 -15.59 -12.83
N23 WIX F . 8.82 -15.65 -7.46
O07 WIX F . 14.79 -18.22 -7.27
O09 WIX F . 13.64 -18.18 -10.75
O26 WIX F . 9.20 -13.52 -8.30
O28 WIX F . 6.07 -14.86 -12.98
O29 WIX F . 9.83 -17.79 -13.43
O30 WIX F . 12.64 -16.23 -11.01
CL01 WIX F . 18.77 -16.35 -10.95
C14 WJ0 G . 13.64 -16.97 -15.79
C15 WJ0 G . 13.79 -17.38 -17.27
C16 WJ0 G . 14.22 -15.58 -15.55
C17 WJ0 G . 10.53 -16.63 -13.29
C19 WJ0 G . 8.40 -15.52 -12.26
C20 WJ0 G . 8.26 -14.81 -10.81
C02 WJ0 G . 17.94 -17.82 -10.36
C03 WJ0 G . 16.69 -17.73 -9.72
C04 WJ0 G . 16.05 -18.90 -9.25
C05 WJ0 G . 14.64 -18.86 -8.52
C06 WJ0 G . 14.77 -18.26 -7.10
C08 WJ0 G . 13.54 -18.04 -9.32
C10 WJ0 G . 13.02 -17.29 -11.56
C12 WJ0 G . 12.02 -16.63 -13.79
C13 WJ0 G . 12.16 -17.05 -15.29
C21 WJ0 G . 9.27 -15.33 -9.75
C22 WJ0 G . 9.10 -14.74 -8.39
C24 WJ0 G . 8.80 -16.99 -7.97
C25 WJ0 G . 9.10 -16.84 -9.47
C27 WJ0 G . 7.39 -14.88 -13.33
C31 WJ0 G . 16.70 -20.15 -9.42
C32 WJ0 G . 17.96 -20.22 -10.06
C33 WJ0 G . 18.59 -19.06 -10.54
N11 WJ0 G . 12.81 -17.51 -12.92
N18 WJ0 G . 9.83 -15.50 -12.75
N23 WJ0 G . 8.83 -15.65 -7.36
O07 WJ0 G . 14.10 -20.17 -8.43
O09 WJ0 G . 13.59 -18.22 -10.73
O26 WJ0 G . 9.20 -13.50 -8.18
O28 WJ0 G . 7.32 -15.78 -14.46
O29 WJ0 G . 9.88 -17.72 -13.32
O30 WJ0 G . 12.69 -16.22 -10.99
CL01 WJ0 G . 18.75 -16.32 -10.96
#